data_6Q28
#
_entry.id   6Q28
#
_cell.length_a   47.880
_cell.length_b   101.968
_cell.length_c   133.275
_cell.angle_alpha   90.000
_cell.angle_beta   90.140
_cell.angle_gamma   90.000
#
_symmetry.space_group_name_H-M   'P 1 21 1'
#
loop_
_entity.id
_entity.type
_entity.pdbx_description
1 polymer 'N-acetylmannosamine kinase'
2 non-polymer 2-acetamido-2-deoxy-beta-D-glucopyranose
3 water water
#
_entity_poly.entity_id   1
_entity_poly.type   'polypeptide(L)'
_entity_poly.pdbx_seq_one_letter_code
;MYYIAIDIGGTQIKSAVIDKQLNMFDYQQISTPDNKSELITDKVYEIVTGYMKQYQLIQPVIGISSAGVVDEQKGEIVYA
GPTIPNYKGTNFKRLLKSLSPYVKVKNDVNAALLGELKLHQYQAERIFCMTLGTGIGGAYKNNQGHIDNGELHKANEVGY
LLYRPTENTTFEQRAATSALKKRMIAGGFTRSTHVPVLFEAAEEGDDIAKQILNEWAEDVAEGIAQIQVMYDPGLILIGG
GISEQGDNLIKYIEPKVAHYLPKDYVYAPIQTTKSKNDAALYGCLQ
;
_entity_poly.pdbx_strand_id   A,B,C,D
#
loop_
_chem_comp.id
_chem_comp.type
_chem_comp.name
_chem_comp.formula
NAG D-saccharide, beta linking 2-acetamido-2-deoxy-beta-D-glucopyranose 'C8 H15 N O6'
#
# COMPACT_ATOMS: atom_id res chain seq x y z
N MET A 1 -19.46 -14.89 -40.32
CA MET A 1 -18.34 -14.59 -39.38
C MET A 1 -18.19 -15.77 -38.42
N TYR A 2 -17.00 -15.91 -37.85
CA TYR A 2 -16.67 -17.00 -36.91
C TYR A 2 -16.50 -18.31 -37.67
N TYR A 3 -15.24 -18.57 -38.01
CA TYR A 3 -14.76 -19.82 -38.63
C TYR A 3 -13.91 -20.53 -37.55
N ILE A 4 -13.88 -21.85 -37.59
CA ILE A 4 -13.01 -22.60 -36.65
C ILE A 4 -11.81 -23.10 -37.46
N ALA A 5 -10.61 -22.93 -36.93
CA ALA A 5 -9.39 -23.38 -37.61
C ALA A 5 -8.62 -24.30 -36.68
N ILE A 6 -8.12 -25.41 -37.21
CA ILE A 6 -7.34 -26.39 -36.43
C ILE A 6 -6.13 -26.82 -37.26
N ASP A 7 -4.96 -26.68 -36.69
CA ASP A 7 -3.70 -27.04 -37.38
C ASP A 7 -3.08 -28.21 -36.63
N ILE A 8 -3.01 -29.38 -37.28
CA ILE A 8 -2.45 -30.61 -36.66
C ILE A 8 -1.06 -30.89 -37.20
N GLY A 9 -0.11 -31.10 -36.29
CA GLY A 9 1.29 -31.46 -36.56
C GLY A 9 1.75 -32.55 -35.62
N GLY A 10 2.95 -33.09 -35.80
CA GLY A 10 3.40 -34.19 -34.93
C GLY A 10 3.65 -33.77 -33.50
N THR A 11 3.95 -32.50 -33.27
CA THR A 11 4.29 -31.96 -31.93
C THR A 11 3.10 -31.24 -31.28
N GLN A 12 2.36 -30.46 -32.02
CA GLN A 12 1.27 -29.71 -31.37
C GLN A 12 0.03 -29.66 -32.26
N ILE A 13 -1.11 -29.45 -31.63
CA ILE A 13 -2.38 -29.18 -32.33
C ILE A 13 -2.72 -27.75 -31.95
N LYS A 14 -2.84 -26.88 -32.93
CA LYS A 14 -3.22 -25.48 -32.65
C LYS A 14 -4.64 -25.25 -33.15
N SER A 15 -5.35 -24.35 -32.50
CA SER A 15 -6.74 -24.06 -32.88
C SER A 15 -7.05 -22.61 -32.54
N ALA A 16 -8.06 -22.08 -33.20
CA ALA A 16 -8.53 -20.71 -32.95
C ALA A 16 -9.84 -20.48 -33.70
N VAL A 17 -10.53 -19.42 -33.32
CA VAL A 17 -11.75 -18.94 -34.01
C VAL A 17 -11.28 -17.71 -34.76
N ILE A 18 -11.60 -17.63 -36.03
CA ILE A 18 -11.18 -16.47 -36.86
C ILE A 18 -12.44 -15.84 -37.43
N ASP A 19 -12.48 -14.52 -37.48
CA ASP A 19 -13.69 -13.86 -38.01
C ASP A 19 -13.50 -13.55 -39.48
N LYS A 20 -14.50 -12.92 -40.09
CA LYS A 20 -14.44 -12.54 -41.52
C LYS A 20 -13.24 -11.61 -41.73
N GLN A 21 -12.88 -10.80 -40.75
CA GLN A 21 -11.83 -9.76 -40.98
C GLN A 21 -10.41 -10.22 -40.66
N LEU A 22 -10.24 -11.52 -40.47
CA LEU A 22 -8.93 -12.15 -40.21
C LEU A 22 -8.45 -11.89 -38.79
N ASN A 23 -9.38 -11.58 -37.89
CA ASN A 23 -9.03 -11.39 -36.46
C ASN A 23 -9.08 -12.76 -35.78
N MET A 24 -8.04 -13.11 -35.04
CA MET A 24 -7.96 -14.42 -34.35
C MET A 24 -8.32 -14.27 -32.87
N PHE A 25 -9.24 -15.10 -32.38
CA PHE A 25 -9.63 -15.15 -30.96
C PHE A 25 -9.46 -16.58 -30.44
N ASP A 26 -9.43 -16.71 -29.13
CA ASP A 26 -9.38 -18.01 -28.42
C ASP A 26 -8.31 -18.99 -28.92
N TYR A 27 -7.08 -18.53 -29.20
CA TYR A 27 -6.02 -19.48 -29.59
C TYR A 27 -5.81 -20.55 -28.52
N GLN A 28 -5.61 -21.80 -28.96
CA GLN A 28 -5.40 -22.94 -28.02
C GLN A 28 -4.35 -23.90 -28.59
N GLN A 29 -3.17 -23.97 -27.95
CA GLN A 29 -2.08 -24.87 -28.40
C GLN A 29 -1.93 -26.01 -27.39
N ILE A 30 -1.94 -27.26 -27.87
CA ILE A 30 -1.82 -28.44 -26.96
C ILE A 30 -0.84 -29.46 -27.57
N SER A 31 -0.19 -30.25 -26.72
CA SER A 31 0.76 -31.27 -27.15
C SER A 31 -0.06 -32.30 -27.92
N THR A 32 0.43 -32.75 -29.07
CA THR A 32 -0.37 -33.70 -29.88
C THR A 32 -0.54 -35.02 -29.15
N PRO A 33 -1.79 -35.53 -29.08
CA PRO A 33 -2.08 -36.83 -28.48
C PRO A 33 -1.19 -37.87 -29.17
N ASP A 34 -0.87 -38.96 -28.47
CA ASP A 34 0.03 -40.02 -29.03
C ASP A 34 -0.64 -40.84 -30.13
N ASN A 35 -1.96 -40.76 -30.22
CA ASN A 35 -2.79 -41.48 -31.22
C ASN A 35 -2.79 -42.98 -30.92
N LYS A 36 -2.56 -43.33 -29.65
CA LYS A 36 -2.58 -44.72 -29.12
C LYS A 36 -3.65 -44.75 -28.02
N SER A 37 -3.35 -44.27 -26.81
CA SER A 37 -4.42 -44.23 -25.78
C SER A 37 -5.16 -42.90 -25.88
N GLU A 38 -4.54 -41.89 -26.49
CA GLU A 38 -5.23 -40.59 -26.72
C GLU A 38 -5.37 -40.37 -28.24
N LEU A 39 -6.58 -40.10 -28.71
CA LEU A 39 -6.87 -40.00 -30.16
C LEU A 39 -6.93 -38.56 -30.66
N ILE A 40 -6.37 -38.35 -31.83
CA ILE A 40 -6.34 -37.01 -32.45
C ILE A 40 -7.77 -36.67 -32.86
N THR A 41 -8.50 -37.64 -33.38
CA THR A 41 -9.89 -37.36 -33.82
C THR A 41 -10.74 -36.95 -32.61
N ASP A 42 -10.54 -37.60 -31.47
CA ASP A 42 -11.33 -37.25 -30.26
C ASP A 42 -10.96 -35.84 -29.84
N LYS A 43 -9.67 -35.50 -29.90
CA LYS A 43 -9.22 -34.15 -29.51
C LYS A 43 -9.78 -33.12 -30.48
N VAL A 44 -9.82 -33.44 -31.77
CA VAL A 44 -10.33 -32.51 -32.81
C VAL A 44 -11.83 -32.30 -32.58
N TYR A 45 -12.57 -33.37 -32.27
CA TYR A 45 -14.02 -33.30 -32.02
C TYR A 45 -14.28 -32.38 -30.82
N GLU A 46 -13.52 -32.59 -29.75
CA GLU A 46 -13.61 -31.82 -28.51
C GLU A 46 -13.35 -30.34 -28.80
N ILE A 47 -12.34 -30.02 -29.59
CA ILE A 47 -12.01 -28.60 -29.88
C ILE A 47 -13.17 -27.93 -30.63
N VAL A 48 -13.77 -28.62 -31.61
CA VAL A 48 -14.88 -28.08 -32.43
C VAL A 48 -16.12 -27.84 -31.56
N THR A 49 -16.48 -28.80 -30.72
CA THR A 49 -17.69 -28.67 -29.87
C THR A 49 -17.47 -27.57 -28.83
N GLY A 50 -16.24 -27.40 -28.38
CA GLY A 50 -15.93 -26.37 -27.39
C GLY A 50 -16.18 -25.01 -27.98
N TYR A 51 -15.69 -24.80 -29.19
CA TYR A 51 -15.87 -23.51 -29.88
C TYR A 51 -17.34 -23.31 -30.21
N MET A 52 -18.04 -24.40 -30.51
CA MET A 52 -19.46 -24.32 -30.90
C MET A 52 -20.29 -23.83 -29.71
N LYS A 53 -20.09 -24.42 -28.54
CA LYS A 53 -20.82 -24.05 -27.29
C LYS A 53 -20.42 -22.63 -26.89
N GLN A 54 -19.13 -22.34 -26.96
CA GLN A 54 -18.57 -21.03 -26.56
C GLN A 54 -19.24 -19.93 -27.37
N TYR A 55 -19.35 -20.11 -28.68
CA TYR A 55 -19.88 -19.02 -29.54
C TYR A 55 -21.27 -19.32 -30.08
N GLN A 56 -21.91 -20.40 -29.64
CA GLN A 56 -23.25 -20.77 -30.17
C GLN A 56 -23.19 -20.77 -31.70
N LEU A 57 -22.29 -21.58 -32.26
CA LEU A 57 -22.15 -21.66 -33.74
C LEU A 57 -22.97 -22.84 -34.24
N ILE A 58 -23.75 -22.59 -35.29
CA ILE A 58 -24.61 -23.63 -35.91
C ILE A 58 -23.99 -23.99 -37.26
N GLN A 59 -23.56 -25.24 -37.42
CA GLN A 59 -22.89 -25.70 -38.68
C GLN A 59 -21.78 -24.73 -39.08
N PRO A 60 -20.77 -24.48 -38.24
CA PRO A 60 -19.71 -23.55 -38.55
C PRO A 60 -18.76 -24.04 -39.64
N VAL A 61 -18.14 -23.10 -40.33
CA VAL A 61 -17.10 -23.46 -41.33
C VAL A 61 -15.88 -23.93 -40.53
N ILE A 62 -15.43 -25.15 -40.73
CA ILE A 62 -14.24 -25.67 -40.01
C ILE A 62 -13.11 -25.90 -41.00
N GLY A 63 -11.96 -25.30 -40.76
CA GLY A 63 -10.77 -25.49 -41.60
C GLY A 63 -9.78 -26.41 -40.91
N ILE A 64 -9.20 -27.36 -41.63
CA ILE A 64 -8.25 -28.31 -40.99
C ILE A 64 -6.94 -28.34 -41.79
N SER A 65 -5.88 -27.93 -41.11
CA SER A 65 -4.52 -27.99 -41.66
C SER A 65 -3.91 -29.24 -41.04
N SER A 66 -3.25 -30.04 -41.85
CA SER A 66 -2.65 -31.24 -41.25
C SER A 66 -1.42 -31.67 -42.01
N ALA A 67 -0.49 -32.24 -41.25
CA ALA A 67 0.67 -32.95 -41.78
C ALA A 67 0.13 -34.20 -42.50
N GLY A 68 0.87 -34.72 -43.47
CA GLY A 68 0.45 -35.91 -44.21
C GLY A 68 -0.10 -35.57 -45.58
N VAL A 69 -0.21 -36.58 -46.44
CA VAL A 69 -0.78 -36.38 -47.79
C VAL A 69 -2.28 -36.19 -47.63
N VAL A 70 -2.80 -35.09 -48.15
CA VAL A 70 -4.23 -34.73 -47.96
C VAL A 70 -4.96 -34.71 -49.30
N ASP A 71 -6.07 -35.41 -49.32
CA ASP A 71 -7.00 -35.43 -50.46
C ASP A 71 -8.03 -34.36 -50.09
N GLU A 72 -7.90 -33.16 -50.64
CA GLU A 72 -8.75 -32.01 -50.26
C GLU A 72 -10.24 -32.36 -50.41
N GLN A 73 -10.64 -32.88 -51.56
CA GLN A 73 -12.05 -33.23 -51.87
C GLN A 73 -12.61 -34.24 -50.88
N LYS A 74 -11.84 -35.27 -50.59
CA LYS A 74 -12.25 -36.33 -49.66
C LYS A 74 -12.20 -35.82 -48.22
N GLY A 75 -11.30 -34.90 -47.91
CA GLY A 75 -11.09 -34.42 -46.54
C GLY A 75 -10.39 -35.52 -45.78
N GLU A 76 -9.50 -36.21 -46.45
CA GLU A 76 -8.88 -37.41 -45.83
C GLU A 76 -7.37 -37.39 -45.91
N ILE A 77 -6.75 -37.98 -44.90
CA ILE A 77 -5.29 -38.22 -44.84
C ILE A 77 -5.05 -39.51 -45.62
N VAL A 78 -4.53 -39.42 -46.84
CA VAL A 78 -4.34 -40.66 -47.64
C VAL A 78 -3.03 -41.36 -47.28
N TYR A 79 -1.98 -40.62 -46.93
CA TYR A 79 -0.75 -41.30 -46.47
C TYR A 79 -0.08 -40.41 -45.44
N ALA A 80 0.46 -41.05 -44.41
CA ALA A 80 1.18 -40.29 -43.39
C ALA A 80 2.48 -41.01 -43.12
N GLY A 81 3.52 -40.24 -42.82
CA GLY A 81 4.81 -40.83 -42.44
C GLY A 81 4.70 -41.40 -41.04
N PRO A 82 5.80 -41.87 -40.44
CA PRO A 82 5.71 -42.48 -39.11
C PRO A 82 5.53 -41.55 -37.92
N THR A 83 5.78 -40.25 -38.07
CA THR A 83 5.66 -39.31 -36.93
C THR A 83 4.32 -39.48 -36.22
N ILE A 84 3.23 -39.44 -36.97
CA ILE A 84 1.89 -39.64 -36.35
C ILE A 84 1.45 -41.07 -36.61
N PRO A 85 1.52 -41.98 -35.61
CA PRO A 85 1.14 -43.35 -35.79
C PRO A 85 -0.37 -43.51 -36.06
N ASN A 86 -0.70 -44.50 -36.88
CA ASN A 86 -2.08 -44.87 -37.21
C ASN A 86 -2.87 -43.67 -37.76
N TYR A 87 -2.26 -42.80 -38.55
CA TYR A 87 -2.95 -41.57 -39.04
C TYR A 87 -3.65 -41.78 -40.37
N LYS A 88 -3.06 -42.59 -41.24
CA LYS A 88 -3.62 -42.83 -42.59
C LYS A 88 -5.09 -43.22 -42.50
N GLY A 89 -5.92 -42.62 -43.36
CA GLY A 89 -7.34 -42.94 -43.40
C GLY A 89 -8.19 -41.97 -42.62
N THR A 90 -7.57 -41.18 -41.74
CA THR A 90 -8.32 -40.20 -40.93
C THR A 90 -9.15 -39.29 -41.85
N ASN A 91 -10.47 -39.35 -41.73
CA ASN A 91 -11.34 -38.50 -42.57
C ASN A 91 -12.05 -37.47 -41.68
N PHE A 92 -11.72 -36.20 -41.87
CA PHE A 92 -12.25 -35.10 -41.02
C PHE A 92 -13.68 -34.74 -41.39
N LYS A 93 -14.02 -34.84 -42.67
CA LYS A 93 -15.39 -34.55 -43.12
C LYS A 93 -16.32 -35.57 -42.46
N ARG A 94 -15.96 -36.84 -42.41
CA ARG A 94 -16.85 -37.84 -41.80
C ARG A 94 -16.87 -37.62 -40.28
N LEU A 95 -15.71 -37.39 -39.68
CA LEU A 95 -15.56 -37.18 -38.23
C LEU A 95 -16.52 -36.10 -37.71
N LEU A 96 -16.59 -34.97 -38.42
CA LEU A 96 -17.49 -33.86 -38.03
C LEU A 96 -18.81 -33.72 -38.78
N LYS A 97 -19.31 -34.82 -39.34
CA LYS A 97 -20.43 -34.82 -40.32
C LYS A 97 -21.74 -34.52 -39.59
N SER A 98 -21.72 -34.57 -38.25
CA SER A 98 -22.93 -34.30 -37.44
C SER A 98 -22.90 -32.86 -36.92
N LEU A 99 -21.69 -32.31 -36.72
CA LEU A 99 -21.54 -30.91 -36.23
C LEU A 99 -21.65 -29.92 -37.39
N SER A 100 -21.12 -30.30 -38.55
CA SER A 100 -21.16 -29.37 -39.70
C SER A 100 -20.83 -30.09 -41.00
N PRO A 101 -21.47 -29.73 -42.12
CA PRO A 101 -21.12 -30.28 -43.41
C PRO A 101 -20.08 -29.39 -44.09
N TYR A 102 -19.68 -28.29 -43.45
CA TYR A 102 -18.70 -27.33 -44.02
C TYR A 102 -17.34 -27.60 -43.38
N VAL A 103 -16.65 -28.59 -43.89
CA VAL A 103 -15.29 -28.88 -43.37
C VAL A 103 -14.31 -28.88 -44.53
N LYS A 104 -13.23 -28.12 -44.38
CA LYS A 104 -12.15 -28.09 -45.39
C LYS A 104 -10.91 -28.72 -44.77
N VAL A 105 -10.12 -29.41 -45.57
CA VAL A 105 -8.86 -30.05 -45.11
C VAL A 105 -7.75 -29.70 -46.09
N LYS A 106 -6.59 -29.34 -45.59
CA LYS A 106 -5.41 -29.05 -46.43
C LYS A 106 -4.14 -29.61 -45.78
N ASN A 107 -3.12 -29.77 -46.60
CA ASN A 107 -1.79 -30.15 -46.10
C ASN A 107 -1.22 -28.93 -45.34
N ASP A 108 -0.43 -29.19 -44.31
CA ASP A 108 0.17 -28.17 -43.41
C ASP A 108 0.91 -27.07 -44.20
N VAL A 109 1.76 -27.43 -45.14
CA VAL A 109 2.58 -26.44 -45.91
C VAL A 109 1.68 -25.64 -46.88
N ASN A 110 0.73 -26.28 -47.53
CA ASN A 110 -0.22 -25.53 -48.39
C ASN A 110 -0.91 -24.48 -47.52
N ALA A 111 -1.35 -24.88 -46.34
CA ALA A 111 -2.04 -23.98 -45.39
C ALA A 111 -1.07 -22.86 -44.97
N ALA A 112 0.13 -23.22 -44.56
CA ALA A 112 1.13 -22.21 -44.16
C ALA A 112 1.37 -21.21 -45.29
N LEU A 113 1.56 -21.69 -46.51
CA LEU A 113 1.84 -20.79 -47.64
C LEU A 113 0.66 -19.86 -47.90
N LEU A 114 -0.55 -20.38 -47.98
CA LEU A 114 -1.77 -19.58 -48.22
C LEU A 114 -1.92 -18.57 -47.08
N GLY A 115 -1.64 -18.99 -45.86
CA GLY A 115 -1.74 -18.12 -44.68
C GLY A 115 -0.75 -16.98 -44.76
N GLU A 116 0.52 -17.32 -44.94
CA GLU A 116 1.62 -16.34 -45.07
C GLU A 116 1.26 -15.32 -46.16
N LEU A 117 0.77 -15.79 -47.30
CA LEU A 117 0.44 -14.91 -48.44
C LEU A 117 -0.81 -14.09 -48.17
N LYS A 118 -1.65 -14.54 -47.26
CA LYS A 118 -2.88 -13.79 -46.90
C LYS A 118 -2.51 -12.63 -46.00
N LEU A 119 -1.46 -12.81 -45.19
CA LEU A 119 -1.02 -11.81 -44.19
C LEU A 119 0.09 -10.89 -44.71
N HIS A 120 0.96 -11.40 -45.59
CA HIS A 120 2.11 -10.60 -46.08
C HIS A 120 2.16 -10.58 -47.61
N GLN A 121 2.50 -9.42 -48.16
CA GLN A 121 2.58 -9.21 -49.62
C GLN A 121 4.02 -9.39 -50.08
N TYR A 122 4.24 -10.07 -51.19
CA TYR A 122 5.58 -10.25 -51.77
C TYR A 122 5.56 -9.82 -53.24
N GLN A 123 6.66 -9.31 -53.74
CA GLN A 123 6.76 -8.87 -55.16
C GLN A 123 6.83 -10.12 -56.05
N ALA A 124 7.58 -11.12 -55.58
CA ALA A 124 7.77 -12.40 -56.30
C ALA A 124 6.44 -13.00 -56.76
N GLU A 125 6.42 -13.49 -57.98
CA GLU A 125 5.24 -14.15 -58.58
C GLU A 125 5.27 -15.65 -58.19
N ARG A 126 6.44 -16.25 -58.22
CA ARG A 126 6.52 -17.69 -57.91
C ARG A 126 7.11 -17.86 -56.51
N ILE A 127 6.33 -18.44 -55.60
CA ILE A 127 6.82 -18.61 -54.21
C ILE A 127 6.79 -20.09 -53.79
N PHE A 128 7.91 -20.60 -53.33
CA PHE A 128 7.90 -21.98 -52.79
C PHE A 128 8.08 -21.87 -51.29
N CYS A 129 7.24 -22.54 -50.51
CA CYS A 129 7.44 -22.56 -49.04
C CYS A 129 7.94 -23.94 -48.60
N MET A 130 8.98 -23.98 -47.78
CA MET A 130 9.47 -25.26 -47.24
C MET A 130 9.45 -25.17 -45.70
N THR A 131 8.76 -26.07 -45.02
CA THR A 131 8.79 -25.95 -43.55
C THR A 131 9.79 -26.96 -42.99
N LEU A 132 10.44 -26.57 -41.92
CA LEU A 132 11.42 -27.37 -41.18
C LEU A 132 10.87 -27.61 -39.80
N GLY A 133 10.90 -28.83 -39.31
CA GLY A 133 10.42 -29.11 -37.95
C GLY A 133 10.34 -30.59 -37.71
N THR A 134 9.23 -31.04 -37.16
CA THR A 134 8.92 -32.46 -36.92
C THR A 134 9.12 -33.18 -38.24
N GLY A 135 8.59 -32.59 -39.31
CA GLY A 135 8.78 -33.11 -40.67
C GLY A 135 9.24 -32.02 -41.61
N ILE A 136 9.58 -32.37 -42.82
CA ILE A 136 9.95 -31.34 -43.83
C ILE A 136 8.92 -31.46 -44.94
N GLY A 137 8.22 -30.38 -45.24
CA GLY A 137 7.21 -30.39 -46.30
C GLY A 137 7.34 -29.20 -47.21
N GLY A 138 6.57 -29.16 -48.29
CA GLY A 138 6.65 -28.06 -49.25
C GLY A 138 5.34 -27.74 -49.96
N ALA A 139 5.29 -26.56 -50.56
CA ALA A 139 4.13 -26.06 -51.31
C ALA A 139 4.63 -25.01 -52.30
N TYR A 140 4.02 -24.97 -53.46
CA TYR A 140 4.48 -24.01 -54.47
C TYR A 140 3.29 -23.27 -55.04
N LYS A 141 3.38 -21.96 -54.99
CA LYS A 141 2.34 -21.12 -55.61
C LYS A 141 2.97 -20.61 -56.91
N ASN A 142 2.37 -20.96 -58.05
CA ASN A 142 2.91 -20.61 -59.38
C ASN A 142 2.53 -19.18 -59.80
N ASN A 143 2.93 -18.79 -61.01
CA ASN A 143 2.72 -17.45 -61.60
C ASN A 143 1.24 -17.15 -61.85
N GLN A 144 0.39 -18.19 -61.90
CA GLN A 144 -1.05 -17.95 -62.10
C GLN A 144 -1.75 -18.03 -60.74
N GLY A 145 -0.98 -18.06 -59.66
CA GLY A 145 -1.51 -18.07 -58.29
C GLY A 145 -2.11 -19.40 -57.90
N HIS A 146 -1.69 -20.48 -58.54
CA HIS A 146 -2.30 -21.79 -58.22
C HIS A 146 -1.33 -22.71 -57.49
N ILE A 147 -1.86 -23.46 -56.53
CA ILE A 147 -1.03 -24.49 -55.86
C ILE A 147 -1.49 -25.85 -56.36
N ASP A 148 -0.62 -26.52 -57.12
CA ASP A 148 -0.87 -27.88 -57.66
C ASP A 148 -0.49 -28.90 -56.58
N ASN A 149 -1.42 -29.76 -56.20
CA ASN A 149 -1.21 -30.81 -55.17
C ASN A 149 -0.75 -32.14 -55.77
N GLY A 150 -0.66 -32.23 -57.09
CA GLY A 150 -0.17 -33.47 -57.69
C GLY A 150 -1.30 -34.35 -58.15
N GLU A 151 -1.01 -35.28 -59.07
CA GLU A 151 -2.04 -36.21 -59.62
C GLU A 151 -2.57 -37.10 -58.50
N LEU A 152 -1.73 -37.41 -57.50
CA LEU A 152 -2.15 -38.26 -56.39
C LEU A 152 -2.02 -37.53 -55.05
N HIS A 153 -2.25 -36.22 -55.05
CA HIS A 153 -2.23 -35.35 -53.85
C HIS A 153 -0.87 -35.26 -53.14
N LYS A 154 0.20 -35.82 -53.69
CA LYS A 154 1.47 -35.82 -52.94
C LYS A 154 2.55 -34.93 -53.55
N ALA A 155 2.17 -33.90 -54.27
CA ALA A 155 3.16 -32.94 -54.81
C ALA A 155 3.91 -32.27 -53.65
N ASN A 156 5.19 -32.03 -53.86
CA ASN A 156 6.03 -31.28 -52.93
C ASN A 156 6.23 -31.99 -51.59
N GLU A 157 6.26 -33.32 -51.58
CA GLU A 157 6.64 -34.05 -50.36
C GLU A 157 8.17 -34.07 -50.36
N VAL A 158 8.78 -32.88 -50.25
CA VAL A 158 10.25 -32.61 -50.34
C VAL A 158 11.08 -33.39 -49.31
N GLY A 159 10.45 -33.94 -48.29
CA GLY A 159 11.14 -34.78 -47.31
C GLY A 159 11.63 -36.07 -47.94
N TYR A 160 11.07 -36.42 -49.10
CA TYR A 160 11.44 -37.66 -49.82
C TYR A 160 12.62 -37.44 -50.76
N LEU A 161 13.04 -36.19 -50.97
CA LEU A 161 14.18 -35.84 -51.85
C LEU A 161 15.50 -36.48 -51.35
N LEU A 162 16.44 -36.65 -52.28
CA LEU A 162 17.83 -37.04 -51.99
C LEU A 162 17.95 -38.29 -51.12
N TYR A 163 17.40 -39.40 -51.57
CA TYR A 163 17.59 -40.67 -50.83
C TYR A 163 19.05 -41.13 -51.03
N ARG A 164 19.75 -41.32 -49.93
CA ARG A 164 21.14 -41.79 -50.05
C ARG A 164 21.15 -43.29 -49.79
N PRO A 165 21.36 -44.15 -50.80
CA PRO A 165 21.35 -45.58 -50.58
C PRO A 165 22.40 -46.07 -49.58
N THR A 166 23.57 -45.44 -49.54
CA THR A 166 24.65 -45.83 -48.63
C THR A 166 24.35 -45.41 -47.18
N GLU A 167 23.44 -44.49 -46.98
CA GLU A 167 23.14 -44.06 -45.60
C GLU A 167 21.69 -44.44 -45.26
N ASN A 168 20.94 -44.89 -46.26
CA ASN A 168 19.53 -45.28 -46.08
C ASN A 168 18.76 -44.09 -45.47
N THR A 169 19.00 -42.88 -45.95
CA THR A 169 18.27 -41.72 -45.39
C THR A 169 17.71 -40.79 -46.47
N THR A 170 16.57 -40.21 -46.18
CA THR A 170 15.96 -39.17 -47.03
C THR A 170 16.37 -37.80 -46.49
N PHE A 171 15.99 -36.74 -47.18
CA PHE A 171 16.20 -35.35 -46.74
C PHE A 171 15.61 -35.24 -45.33
N GLU A 172 14.33 -35.60 -45.20
CA GLU A 172 13.58 -35.53 -43.93
C GLU A 172 14.32 -36.30 -42.82
N GLN A 173 14.86 -37.47 -43.14
CA GLN A 173 15.59 -38.30 -42.15
C GLN A 173 16.91 -37.65 -41.71
N ARG A 174 17.36 -36.60 -42.37
CA ARG A 174 18.62 -35.94 -41.95
C ARG A 174 18.34 -34.54 -41.44
N ALA A 175 17.20 -33.94 -41.74
CA ALA A 175 17.06 -32.50 -41.44
C ALA A 175 15.85 -32.15 -40.56
N ALA A 176 14.97 -33.11 -40.30
CA ALA A 176 13.84 -32.87 -39.38
C ALA A 176 14.35 -32.86 -37.92
N THR A 177 13.58 -32.23 -37.04
CA THR A 177 13.89 -32.05 -35.61
C THR A 177 14.41 -33.32 -34.95
N SER A 178 13.74 -34.44 -35.13
CA SER A 178 14.20 -35.69 -34.48
C SER A 178 15.62 -36.02 -34.94
N ALA A 179 15.92 -35.76 -36.20
CA ALA A 179 17.26 -36.04 -36.79
C ALA A 179 18.29 -35.05 -36.25
N LEU A 180 17.92 -33.78 -36.17
CA LEU A 180 18.83 -32.73 -35.68
C LEU A 180 19.14 -32.98 -34.20
N LYS A 181 18.15 -33.44 -33.44
CA LYS A 181 18.38 -33.71 -31.99
C LYS A 181 19.32 -34.91 -31.85
N LYS A 182 19.26 -35.86 -32.78
CA LYS A 182 20.17 -37.02 -32.73
C LYS A 182 21.56 -36.56 -33.14
N ARG A 183 21.62 -35.55 -34.01
CA ARG A 183 22.89 -35.00 -34.52
C ARG A 183 23.53 -34.17 -33.42
N MET A 184 22.71 -33.52 -32.60
CA MET A 184 23.25 -32.74 -31.47
C MET A 184 23.97 -33.68 -30.50
N ILE A 185 23.37 -34.82 -30.16
CA ILE A 185 23.98 -35.81 -29.21
C ILE A 185 25.22 -36.43 -29.84
N ALA A 186 25.17 -36.70 -31.14
CA ALA A 186 26.31 -37.31 -31.84
C ALA A 186 27.42 -36.27 -32.01
N GLY A 187 27.02 -35.01 -32.06
CA GLY A 187 27.96 -33.89 -32.21
C GLY A 187 28.67 -33.56 -30.92
N GLY A 188 28.23 -34.12 -29.80
CA GLY A 188 28.88 -33.83 -28.53
C GLY A 188 28.21 -32.69 -27.79
N PHE A 189 27.03 -32.27 -28.23
CA PHE A 189 26.27 -31.17 -27.58
C PHE A 189 25.42 -31.76 -26.46
N THR A 190 25.98 -31.82 -25.24
CA THR A 190 25.32 -32.39 -24.04
C THR A 190 24.57 -31.30 -23.28
N ARG A 191 24.99 -30.06 -23.50
CA ARG A 191 24.40 -28.86 -22.83
C ARG A 191 22.88 -28.96 -22.76
N SER A 192 22.22 -29.15 -23.90
CA SER A 192 20.74 -29.16 -23.91
C SER A 192 20.22 -30.14 -24.96
N THR A 193 18.90 -30.32 -24.97
CA THR A 193 18.21 -31.19 -25.93
C THR A 193 17.29 -30.31 -26.80
N HIS A 194 17.26 -29.02 -26.53
CA HIS A 194 16.36 -28.10 -27.25
C HIS A 194 17.09 -27.32 -28.35
N VAL A 195 16.47 -27.24 -29.52
CA VAL A 195 17.11 -26.61 -30.71
C VAL A 195 17.41 -25.13 -30.47
N PRO A 196 16.50 -24.31 -29.90
CA PRO A 196 16.82 -22.92 -29.61
C PRO A 196 18.12 -22.76 -28.80
N VAL A 197 18.39 -23.68 -27.88
CA VAL A 197 19.64 -23.57 -27.06
C VAL A 197 20.84 -23.81 -27.97
N LEU A 198 20.72 -24.73 -28.93
CA LEU A 198 21.80 -24.98 -29.90
C LEU A 198 22.11 -23.68 -30.63
N PHE A 199 21.07 -22.96 -31.06
CA PHE A 199 21.23 -21.69 -31.80
C PHE A 199 21.90 -20.67 -30.89
N GLU A 200 21.41 -20.63 -29.65
CA GLU A 200 21.92 -19.70 -28.63
C GLU A 200 23.41 -19.95 -28.34
N ALA A 201 23.79 -21.20 -28.15
CA ALA A 201 25.18 -21.57 -27.84
C ALA A 201 26.10 -21.20 -28.99
N ALA A 202 25.61 -21.35 -30.21
CA ALA A 202 26.41 -21.04 -31.41
C ALA A 202 26.63 -19.53 -31.49
N GLU A 203 25.62 -18.75 -31.07
CA GLU A 203 25.74 -17.28 -31.10
C GLU A 203 26.81 -16.86 -30.09
N GLU A 204 27.03 -17.67 -29.05
CA GLU A 204 28.00 -17.33 -27.97
C GLU A 204 29.39 -17.81 -28.36
N GLY A 205 29.54 -18.47 -29.50
CA GLY A 205 30.87 -18.91 -29.94
C GLY A 205 31.17 -20.35 -29.59
N ASP A 206 30.17 -21.15 -29.26
CA ASP A 206 30.44 -22.59 -28.98
C ASP A 206 30.75 -23.26 -30.32
N ASP A 207 32.01 -23.69 -30.50
CA ASP A 207 32.45 -24.34 -31.75
C ASP A 207 31.57 -25.54 -32.06
N ILE A 208 31.33 -26.40 -31.07
CA ILE A 208 30.49 -27.64 -31.13
C ILE A 208 29.12 -27.34 -31.73
N ALA A 209 28.41 -26.37 -31.16
CA ALA A 209 27.06 -26.03 -31.65
C ALA A 209 27.16 -25.64 -33.13
N LYS A 210 28.15 -24.84 -33.46
CA LYS A 210 28.40 -24.36 -34.84
C LYS A 210 28.65 -25.52 -35.80
N GLN A 211 29.46 -26.49 -35.41
CA GLN A 211 29.73 -27.59 -36.36
C GLN A 211 28.43 -28.35 -36.61
N ILE A 212 27.65 -28.63 -35.57
CA ILE A 212 26.36 -29.36 -35.75
C ILE A 212 25.44 -28.56 -36.68
N LEU A 213 25.31 -27.25 -36.45
CA LEU A 213 24.42 -26.41 -37.26
C LEU A 213 24.88 -26.36 -38.73
N ASN A 214 26.16 -26.09 -38.95
CA ASN A 214 26.72 -25.96 -40.32
C ASN A 214 26.56 -27.27 -41.11
N GLU A 215 26.84 -28.41 -40.49
CA GLU A 215 26.75 -29.71 -41.19
C GLU A 215 25.28 -30.00 -41.53
N TRP A 216 24.39 -29.67 -40.60
CA TRP A 216 22.93 -29.86 -40.75
C TRP A 216 22.41 -28.89 -41.82
N ALA A 217 22.96 -27.69 -41.83
CA ALA A 217 22.57 -26.64 -42.78
C ALA A 217 23.05 -27.05 -44.17
N GLU A 218 24.14 -27.82 -44.23
CA GLU A 218 24.66 -28.28 -45.52
C GLU A 218 23.59 -29.16 -46.19
N ASP A 219 22.98 -30.06 -45.43
CA ASP A 219 21.92 -30.95 -45.94
C ASP A 219 20.64 -30.17 -46.29
N VAL A 220 20.27 -29.20 -45.46
CA VAL A 220 19.06 -28.39 -45.75
C VAL A 220 19.29 -27.70 -47.10
N ALA A 221 20.45 -27.05 -47.25
CA ALA A 221 20.81 -26.31 -48.48
C ALA A 221 20.73 -27.23 -49.70
N GLU A 222 21.26 -28.45 -49.59
CA GLU A 222 21.24 -29.44 -50.70
C GLU A 222 19.79 -29.65 -51.16
N GLY A 223 18.87 -29.82 -50.20
CA GLY A 223 17.46 -30.03 -50.55
C GLY A 223 16.87 -28.78 -51.22
N ILE A 224 17.19 -27.61 -50.69
CA ILE A 224 16.71 -26.33 -51.28
C ILE A 224 17.26 -26.22 -52.70
N ALA A 225 18.50 -26.65 -52.94
CA ALA A 225 19.08 -26.57 -54.30
C ALA A 225 18.20 -27.32 -55.30
N GLN A 226 17.75 -28.53 -54.96
CA GLN A 226 16.89 -29.35 -55.85
C GLN A 226 15.58 -28.59 -56.14
N ILE A 227 14.96 -28.02 -55.11
CA ILE A 227 13.71 -27.23 -55.23
C ILE A 227 13.97 -26.06 -56.19
N GLN A 228 15.07 -25.34 -55.99
CA GLN A 228 15.46 -24.20 -56.84
C GLN A 228 15.61 -24.62 -58.31
N VAL A 229 16.36 -25.68 -58.55
CA VAL A 229 16.63 -26.17 -59.93
C VAL A 229 15.31 -26.46 -60.63
N MET A 230 14.40 -27.12 -59.93
CA MET A 230 13.12 -27.53 -60.53
C MET A 230 12.17 -26.35 -60.79
N TYR A 231 11.97 -25.49 -59.81
CA TYR A 231 10.92 -24.44 -59.92
C TYR A 231 11.43 -23.08 -60.39
N ASP A 232 12.69 -22.74 -60.15
CA ASP A 232 13.21 -21.39 -60.48
C ASP A 232 12.23 -20.37 -59.90
N PRO A 233 11.96 -20.40 -58.58
CA PRO A 233 11.00 -19.51 -57.97
C PRO A 233 11.55 -18.11 -57.74
N GLY A 234 10.65 -17.14 -57.57
CA GLY A 234 11.08 -15.77 -57.26
C GLY A 234 11.46 -15.66 -55.80
N LEU A 235 10.95 -16.55 -54.96
CA LEU A 235 11.18 -16.52 -53.49
C LEU A 235 11.01 -17.91 -52.88
N ILE A 236 11.90 -18.23 -51.96
CA ILE A 236 11.80 -19.48 -51.15
C ILE A 236 11.63 -19.05 -49.69
N LEU A 237 10.52 -19.46 -49.09
CA LEU A 237 10.23 -19.12 -47.68
C LEU A 237 10.49 -20.35 -46.81
N ILE A 238 11.15 -20.17 -45.68
CA ILE A 238 11.38 -21.28 -44.71
C ILE A 238 10.40 -21.07 -43.56
N GLY A 239 9.52 -22.05 -43.38
CA GLY A 239 8.51 -22.03 -42.33
C GLY A 239 8.83 -23.04 -41.25
N GLY A 240 7.94 -23.18 -40.27
CA GLY A 240 8.17 -24.08 -39.14
C GLY A 240 8.58 -23.33 -37.89
N GLY A 241 8.64 -24.02 -36.75
CA GLY A 241 9.00 -23.44 -35.45
C GLY A 241 10.35 -22.76 -35.48
N ILE A 242 11.28 -23.35 -36.20
CA ILE A 242 12.66 -22.80 -36.35
C ILE A 242 12.63 -21.51 -37.17
N SER A 243 11.52 -21.20 -37.83
CA SER A 243 11.41 -19.93 -38.60
C SER A 243 11.64 -18.73 -37.66
N GLU A 244 11.37 -18.92 -36.36
CA GLU A 244 11.56 -17.92 -35.29
C GLU A 244 12.99 -17.38 -35.28
N GLN A 245 13.99 -18.19 -35.65
CA GLN A 245 15.43 -17.80 -35.65
C GLN A 245 15.71 -16.67 -36.66
N GLY A 246 14.83 -16.46 -37.63
CA GLY A 246 14.97 -15.41 -38.64
C GLY A 246 16.30 -15.46 -39.38
N ASP A 247 17.02 -14.35 -39.44
CA ASP A 247 18.33 -14.24 -40.14
C ASP A 247 19.40 -15.15 -39.51
N ASN A 248 19.20 -15.56 -38.26
CA ASN A 248 20.19 -16.48 -37.62
C ASN A 248 20.01 -17.87 -38.21
N LEU A 249 18.88 -18.11 -38.87
CA LEU A 249 18.72 -19.40 -39.57
C LEU A 249 19.23 -19.23 -40.99
N ILE A 250 18.80 -18.17 -41.69
CA ILE A 250 19.13 -17.89 -43.11
C ILE A 250 20.65 -17.89 -43.32
N LYS A 251 21.40 -17.28 -42.40
CA LYS A 251 22.88 -17.15 -42.49
C LYS A 251 23.57 -18.51 -42.56
N TYR A 252 22.96 -19.57 -42.04
CA TYR A 252 23.60 -20.90 -42.09
C TYR A 252 23.23 -21.64 -43.37
N ILE A 253 22.03 -21.41 -43.87
CA ILE A 253 21.50 -22.17 -45.03
C ILE A 253 21.81 -21.50 -46.37
N GLU A 254 21.32 -20.26 -46.53
CA GLU A 254 21.42 -19.43 -47.76
C GLU A 254 22.76 -19.53 -48.51
N PRO A 255 23.91 -19.20 -47.89
CA PRO A 255 25.19 -19.32 -48.55
C PRO A 255 25.50 -20.74 -49.05
N LYS A 256 25.05 -21.75 -48.32
CA LYS A 256 25.38 -23.17 -48.65
C LYS A 256 24.62 -23.66 -49.88
N VAL A 257 23.49 -23.02 -50.22
CA VAL A 257 22.68 -23.41 -51.39
C VAL A 257 23.56 -23.37 -52.64
N ALA A 258 24.43 -22.37 -52.74
CA ALA A 258 25.35 -22.18 -53.89
C ALA A 258 26.29 -23.38 -54.09
N HIS A 259 26.55 -24.18 -53.06
CA HIS A 259 27.45 -25.36 -53.18
C HIS A 259 26.88 -26.42 -54.11
N TYR A 260 25.56 -26.44 -54.33
CA TYR A 260 24.91 -27.50 -55.13
C TYR A 260 24.42 -26.96 -56.48
N LEU A 261 24.87 -25.76 -56.83
CA LEU A 261 24.47 -25.12 -58.09
C LEU A 261 25.72 -24.68 -58.85
N PRO A 262 25.67 -24.43 -60.18
CA PRO A 262 26.83 -23.95 -60.91
C PRO A 262 27.19 -22.53 -60.49
N LYS A 263 28.47 -22.18 -60.67
CA LYS A 263 29.06 -20.87 -60.24
C LYS A 263 28.24 -19.65 -60.70
N ASP A 264 27.66 -19.65 -61.90
CA ASP A 264 26.94 -18.42 -62.32
C ASP A 264 25.43 -18.57 -62.18
N TYR A 265 24.99 -19.60 -61.46
CA TYR A 265 23.53 -19.84 -61.31
C TYR A 265 22.95 -18.87 -60.28
N VAL A 266 21.99 -18.06 -60.73
CA VAL A 266 21.30 -17.09 -59.85
C VAL A 266 20.14 -17.82 -59.16
N TYR A 267 20.18 -18.00 -57.85
CA TYR A 267 19.02 -18.65 -57.19
C TYR A 267 18.19 -17.61 -56.45
N ALA A 268 16.98 -17.97 -56.08
CA ALA A 268 16.07 -17.05 -55.37
C ALA A 268 16.57 -16.69 -53.98
N PRO A 269 16.14 -15.53 -53.46
CA PRO A 269 16.37 -15.17 -52.07
C PRO A 269 15.72 -16.19 -51.14
N ILE A 270 16.40 -16.47 -50.04
CA ILE A 270 15.87 -17.45 -49.06
C ILE A 270 15.59 -16.70 -47.75
N GLN A 271 14.33 -16.74 -47.34
CA GLN A 271 13.90 -15.96 -46.17
C GLN A 271 12.98 -16.77 -45.27
N THR A 272 12.94 -16.41 -43.99
CA THR A 272 11.99 -17.03 -43.07
C THR A 272 10.62 -16.42 -43.33
N THR A 273 9.57 -17.15 -42.95
CA THR A 273 8.18 -16.66 -43.09
C THR A 273 8.02 -15.51 -42.10
N LYS A 274 7.21 -14.52 -42.44
CA LYS A 274 6.98 -13.37 -41.54
C LYS A 274 6.04 -13.81 -40.43
N SER A 275 5.00 -14.54 -40.78
CA SER A 275 4.07 -15.07 -39.77
C SER A 275 4.73 -16.33 -39.17
N LYS A 276 5.17 -16.26 -37.93
CA LYS A 276 5.95 -17.37 -37.33
C LYS A 276 5.08 -18.47 -36.69
N ASN A 277 3.79 -18.27 -36.48
CA ASN A 277 3.10 -19.37 -35.77
C ASN A 277 1.69 -19.67 -36.30
N ASP A 278 0.94 -18.63 -36.63
CA ASP A 278 -0.49 -18.77 -37.01
C ASP A 278 -0.72 -18.95 -38.50
N ALA A 279 0.32 -19.09 -39.31
CA ALA A 279 0.14 -19.12 -40.77
C ALA A 279 -0.88 -20.18 -41.21
N ALA A 280 -0.67 -21.44 -40.82
CA ALA A 280 -1.54 -22.54 -41.26
C ALA A 280 -2.99 -22.34 -40.82
N LEU A 281 -3.23 -21.74 -39.66
CA LEU A 281 -4.61 -21.57 -39.15
C LEU A 281 -5.38 -20.64 -40.08
N TYR A 282 -4.71 -19.67 -40.67
CA TYR A 282 -5.40 -18.75 -41.59
C TYR A 282 -5.55 -19.45 -42.95
N GLY A 283 -4.51 -20.19 -43.33
CA GLY A 283 -4.44 -20.89 -44.62
C GLY A 283 -5.51 -21.94 -44.83
N CYS A 284 -5.84 -22.70 -43.81
CA CYS A 284 -6.81 -23.81 -43.92
C CYS A 284 -8.24 -23.34 -44.22
N LEU A 285 -8.53 -22.05 -44.05
CA LEU A 285 -9.88 -21.52 -44.30
C LEU A 285 -9.95 -20.89 -45.68
N GLN A 286 -8.81 -20.68 -46.32
CA GLN A 286 -8.75 -20.03 -47.65
C GLN A 286 -9.36 -20.96 -48.70
N MET B 1 17.30 -30.17 -14.59
CA MET B 1 16.29 -29.12 -14.36
C MET B 1 14.88 -29.68 -14.63
N TYR B 2 14.06 -28.85 -15.26
CA TYR B 2 12.65 -29.07 -15.67
C TYR B 2 11.70 -28.85 -14.50
N TYR B 3 11.04 -27.69 -14.54
CA TYR B 3 9.99 -27.28 -13.57
C TYR B 3 8.68 -27.24 -14.35
N ILE B 4 7.59 -27.65 -13.71
CA ILE B 4 6.27 -27.57 -14.39
C ILE B 4 5.59 -26.29 -13.87
N ALA B 5 5.07 -25.47 -14.77
CA ALA B 5 4.42 -24.19 -14.40
C ALA B 5 3.04 -24.13 -15.05
N ILE B 6 2.03 -23.81 -14.27
CA ILE B 6 0.62 -23.75 -14.73
C ILE B 6 0.06 -22.41 -14.27
N ASP B 7 -0.59 -21.69 -15.19
CA ASP B 7 -1.21 -20.38 -14.91
C ASP B 7 -2.71 -20.47 -15.18
N ILE B 8 -3.51 -20.44 -14.12
CA ILE B 8 -4.98 -20.57 -14.24
C ILE B 8 -5.65 -19.21 -14.13
N GLY B 9 -6.41 -18.87 -15.17
CA GLY B 9 -7.21 -17.64 -15.23
C GLY B 9 -8.66 -17.96 -15.55
N GLY B 10 -9.53 -16.96 -15.50
CA GLY B 10 -10.94 -17.21 -15.81
C GLY B 10 -11.13 -17.56 -17.27
N THR B 11 -10.25 -17.09 -18.14
CA THR B 11 -10.34 -17.29 -19.60
C THR B 11 -9.53 -18.50 -20.07
N GLN B 12 -8.28 -18.64 -19.63
CA GLN B 12 -7.43 -19.75 -20.13
C GLN B 12 -6.51 -20.32 -19.08
N ILE B 13 -6.08 -21.54 -19.30
CA ILE B 13 -5.06 -22.14 -18.41
C ILE B 13 -3.82 -22.30 -19.28
N LYS B 14 -2.76 -21.64 -18.90
CA LYS B 14 -1.53 -21.81 -19.68
C LYS B 14 -0.60 -22.73 -18.90
N SER B 15 0.25 -23.45 -19.61
CA SER B 15 1.20 -24.37 -18.97
C SER B 15 2.47 -24.48 -19.79
N ALA B 16 3.57 -24.78 -19.12
CA ALA B 16 4.84 -24.98 -19.82
C ALA B 16 5.82 -25.72 -18.93
N VAL B 17 6.86 -26.25 -19.54
CA VAL B 17 7.98 -26.86 -18.78
C VAL B 17 9.10 -25.83 -18.87
N ILE B 18 9.73 -25.51 -17.76
CA ILE B 18 10.79 -24.47 -17.78
C ILE B 18 12.07 -25.08 -17.24
N ASP B 19 13.21 -24.74 -17.82
CA ASP B 19 14.50 -25.30 -17.37
C ASP B 19 15.23 -24.32 -16.45
N LYS B 20 16.37 -24.76 -15.96
CA LYS B 20 17.22 -24.00 -15.00
C LYS B 20 17.61 -22.65 -15.59
N GLN B 21 17.82 -22.60 -16.90
CA GLN B 21 18.28 -21.39 -17.61
C GLN B 21 17.11 -20.54 -18.11
N LEU B 22 15.93 -20.81 -17.56
CA LEU B 22 14.70 -20.03 -17.85
C LEU B 22 14.23 -20.24 -19.29
N ASN B 23 14.51 -21.40 -19.88
CA ASN B 23 14.02 -21.69 -21.25
C ASN B 23 12.63 -22.31 -21.11
N MET B 24 11.65 -21.79 -21.84
CA MET B 24 10.27 -22.32 -21.79
C MET B 24 10.03 -23.25 -22.98
N PHE B 25 9.60 -24.47 -22.68
CA PHE B 25 9.32 -25.50 -23.69
C PHE B 25 7.94 -26.09 -23.47
N ASP B 26 7.42 -26.77 -24.50
CA ASP B 26 6.10 -27.44 -24.53
C ASP B 26 4.98 -26.54 -24.03
N TYR B 27 4.99 -25.28 -24.42
CA TYR B 27 3.94 -24.34 -23.98
C TYR B 27 2.58 -24.85 -24.43
N GLN B 28 1.61 -24.79 -23.53
CA GLN B 28 0.22 -25.19 -23.83
C GLN B 28 -0.70 -24.08 -23.33
N GLN B 29 -1.84 -23.92 -24.00
CA GLN B 29 -2.83 -22.89 -23.65
C GLN B 29 -4.22 -23.39 -24.03
N ILE B 30 -5.06 -23.68 -23.06
CA ILE B 30 -6.42 -24.21 -23.37
C ILE B 30 -7.48 -23.31 -22.74
N SER B 31 -8.68 -23.37 -23.25
CA SER B 31 -9.78 -22.58 -22.65
C SER B 31 -10.05 -23.15 -21.26
N THR B 32 -10.29 -22.28 -20.30
CA THR B 32 -10.55 -22.75 -18.93
C THR B 32 -11.80 -23.61 -18.89
N PRO B 33 -11.71 -24.84 -18.35
CA PRO B 33 -12.86 -25.71 -18.21
C PRO B 33 -13.92 -24.91 -17.42
N ASP B 34 -15.20 -25.22 -17.63
CA ASP B 34 -16.30 -24.46 -16.98
C ASP B 34 -16.39 -24.72 -15.48
N ASN B 35 -15.67 -25.72 -14.99
CA ASN B 35 -15.68 -26.08 -13.55
C ASN B 35 -17.07 -26.56 -13.13
N LYS B 36 -17.83 -27.14 -14.06
CA LYS B 36 -19.15 -27.72 -13.73
C LYS B 36 -19.10 -29.19 -14.15
N SER B 37 -19.28 -29.47 -15.44
CA SER B 37 -19.12 -30.87 -15.91
C SER B 37 -17.66 -31.11 -16.26
N GLU B 38 -16.88 -30.03 -16.29
CA GLU B 38 -15.43 -30.11 -16.61
C GLU B 38 -14.64 -29.47 -15.45
N LEU B 39 -13.79 -30.23 -14.78
CA LEU B 39 -13.08 -29.70 -13.58
C LEU B 39 -11.64 -29.25 -13.84
N ILE B 40 -11.34 -28.07 -13.31
CA ILE B 40 -10.01 -27.43 -13.36
C ILE B 40 -9.03 -28.36 -12.62
N THR B 41 -9.44 -28.93 -11.51
CA THR B 41 -8.52 -29.84 -10.78
C THR B 41 -8.10 -30.97 -11.71
N ASP B 42 -9.06 -31.62 -12.38
CA ASP B 42 -8.78 -32.74 -13.31
C ASP B 42 -7.83 -32.28 -14.41
N LYS B 43 -8.10 -31.12 -15.00
CA LYS B 43 -7.24 -30.60 -16.09
C LYS B 43 -5.83 -30.36 -15.56
N VAL B 44 -5.68 -29.77 -14.39
CA VAL B 44 -4.34 -29.48 -13.82
C VAL B 44 -3.63 -30.81 -13.61
N TYR B 45 -4.34 -31.79 -13.05
CA TYR B 45 -3.76 -33.11 -12.76
C TYR B 45 -3.27 -33.71 -14.07
N GLU B 46 -4.13 -33.63 -15.09
CA GLU B 46 -3.90 -34.13 -16.46
C GLU B 46 -2.68 -33.44 -17.05
N ILE B 47 -2.56 -32.12 -16.88
CA ILE B 47 -1.41 -31.37 -17.44
C ILE B 47 -0.11 -31.79 -16.75
N VAL B 48 -0.14 -31.96 -15.45
CA VAL B 48 1.08 -32.33 -14.69
C VAL B 48 1.54 -33.74 -15.06
N THR B 49 0.64 -34.71 -15.09
CA THR B 49 1.03 -36.10 -15.40
C THR B 49 1.56 -36.17 -16.82
N GLY B 50 0.92 -35.47 -17.74
CA GLY B 50 1.36 -35.42 -19.14
C GLY B 50 2.79 -34.99 -19.23
N TYR B 51 3.16 -33.91 -18.55
CA TYR B 51 4.56 -33.44 -18.57
C TYR B 51 5.47 -34.46 -17.87
N MET B 52 4.96 -35.14 -16.86
CA MET B 52 5.77 -36.10 -16.11
C MET B 52 6.16 -37.24 -17.04
N LYS B 53 5.18 -37.79 -17.77
CA LYS B 53 5.38 -38.89 -18.73
C LYS B 53 6.33 -38.46 -19.85
N GLN B 54 6.05 -37.31 -20.44
CA GLN B 54 6.86 -36.80 -21.57
C GLN B 54 8.32 -36.66 -21.15
N TYR B 55 8.58 -36.24 -19.92
CA TYR B 55 10.00 -36.03 -19.57
C TYR B 55 10.48 -37.00 -18.49
N GLN B 56 9.67 -37.98 -18.11
CA GLN B 56 10.06 -38.96 -17.07
C GLN B 56 10.55 -38.20 -15.84
N LEU B 57 9.72 -37.26 -15.35
CA LEU B 57 10.05 -36.46 -14.16
C LEU B 57 9.44 -37.18 -12.96
N ILE B 58 10.22 -37.27 -11.89
CA ILE B 58 9.76 -37.89 -10.61
C ILE B 58 9.70 -36.75 -9.59
N GLN B 59 8.56 -36.59 -8.92
CA GLN B 59 8.36 -35.51 -7.92
C GLN B 59 8.90 -34.21 -8.48
N PRO B 60 8.38 -33.72 -9.62
CA PRO B 60 8.91 -32.50 -10.19
C PRO B 60 8.50 -31.27 -9.39
N VAL B 61 9.33 -30.24 -9.39
CA VAL B 61 8.94 -28.98 -8.74
C VAL B 61 7.78 -28.41 -9.57
N ILE B 62 6.62 -28.28 -8.96
CA ILE B 62 5.43 -27.75 -9.67
C ILE B 62 5.07 -26.38 -9.15
N GLY B 63 4.81 -25.44 -10.05
CA GLY B 63 4.42 -24.06 -9.73
C GLY B 63 3.03 -23.76 -10.26
N ILE B 64 2.19 -23.19 -9.42
CA ILE B 64 0.78 -22.88 -9.78
C ILE B 64 0.48 -21.40 -9.53
N SER B 65 0.14 -20.72 -10.60
CA SER B 65 -0.30 -19.32 -10.54
C SER B 65 -1.81 -19.35 -10.73
N SER B 66 -2.53 -18.61 -9.91
CA SER B 66 -4.00 -18.63 -10.04
C SER B 66 -4.63 -17.30 -9.64
N ALA B 67 -5.72 -16.96 -10.34
CA ALA B 67 -6.61 -15.85 -9.97
C ALA B 67 -7.29 -16.25 -8.65
N GLY B 68 -7.69 -15.28 -7.85
CA GLY B 68 -8.32 -15.52 -6.53
C GLY B 68 -7.40 -15.25 -5.38
N VAL B 69 -7.96 -15.09 -4.19
CA VAL B 69 -7.16 -14.89 -2.96
C VAL B 69 -6.44 -16.22 -2.69
N VAL B 70 -5.13 -16.19 -2.58
CA VAL B 70 -4.34 -17.45 -2.41
C VAL B 70 -3.66 -17.49 -1.05
N ASP B 71 -3.87 -18.57 -0.34
CA ASP B 71 -3.12 -18.82 0.91
C ASP B 71 -1.90 -19.62 0.48
N GLU B 72 -0.76 -18.94 0.25
CA GLU B 72 0.48 -19.60 -0.25
C GLU B 72 0.87 -20.80 0.61
N GLN B 73 0.82 -20.67 1.93
CA GLN B 73 1.26 -21.78 2.83
C GLN B 73 0.33 -22.98 2.67
N LYS B 74 -0.97 -22.72 2.63
CA LYS B 74 -1.98 -23.78 2.49
C LYS B 74 -2.00 -24.29 1.04
N GLY B 75 -1.60 -23.44 0.10
CA GLY B 75 -1.68 -23.73 -1.34
C GLY B 75 -3.14 -23.81 -1.73
N GLU B 76 -3.96 -22.94 -1.17
CA GLU B 76 -5.41 -23.07 -1.40
C GLU B 76 -6.06 -21.74 -1.82
N ILE B 77 -7.09 -21.84 -2.64
CA ILE B 77 -7.90 -20.67 -3.06
C ILE B 77 -8.82 -20.34 -1.89
N VAL B 78 -8.60 -19.24 -1.18
CA VAL B 78 -9.49 -18.98 -0.02
C VAL B 78 -10.78 -18.33 -0.46
N TYR B 79 -10.71 -17.40 -1.41
CA TYR B 79 -11.94 -16.76 -1.96
C TYR B 79 -11.75 -16.43 -3.42
N ALA B 80 -12.81 -16.60 -4.19
CA ALA B 80 -12.74 -16.25 -5.60
C ALA B 80 -13.96 -15.43 -5.97
N GLY B 81 -13.81 -14.55 -6.96
CA GLY B 81 -14.92 -13.69 -7.42
C GLY B 81 -15.95 -14.49 -8.20
N PRO B 82 -16.78 -13.86 -9.06
CA PRO B 82 -17.79 -14.56 -9.84
C PRO B 82 -17.29 -14.99 -11.22
N THR B 83 -15.97 -15.10 -11.38
CA THR B 83 -15.35 -15.50 -12.67
C THR B 83 -15.37 -17.03 -12.81
N ILE B 84 -14.64 -17.72 -11.93
CA ILE B 84 -14.57 -19.21 -11.96
C ILE B 84 -15.52 -19.78 -10.91
N PRO B 85 -16.66 -20.41 -11.29
CA PRO B 85 -17.60 -20.99 -10.34
C PRO B 85 -17.05 -22.18 -9.57
N ASN B 86 -17.40 -22.30 -8.28
CA ASN B 86 -16.98 -23.41 -7.38
C ASN B 86 -15.46 -23.42 -7.21
N TYR B 87 -14.83 -22.26 -7.30
CA TYR B 87 -13.36 -22.22 -7.21
C TYR B 87 -12.92 -22.25 -5.74
N LYS B 88 -13.64 -21.54 -4.87
CA LYS B 88 -13.30 -21.48 -3.43
C LYS B 88 -13.01 -22.88 -2.89
N GLY B 89 -11.93 -23.00 -2.11
CA GLY B 89 -11.55 -24.25 -1.44
C GLY B 89 -10.60 -25.08 -2.27
N THR B 90 -10.40 -24.75 -3.53
CA THR B 90 -9.49 -25.54 -4.39
C THR B 90 -8.10 -25.56 -3.76
N ASN B 91 -7.56 -26.74 -3.45
CA ASN B 91 -6.21 -26.83 -2.83
C ASN B 91 -5.29 -27.63 -3.74
N PHE B 92 -4.31 -26.96 -4.33
CA PHE B 92 -3.40 -27.56 -5.33
C PHE B 92 -2.35 -28.45 -4.66
N LYS B 93 -1.98 -28.15 -3.42
CA LYS B 93 -0.95 -28.97 -2.74
C LYS B 93 -1.57 -30.34 -2.50
N ARG B 94 -2.83 -30.34 -2.08
CA ARG B 94 -3.56 -31.59 -1.80
C ARG B 94 -3.78 -32.35 -3.10
N LEU B 95 -4.30 -31.66 -4.10
CA LEU B 95 -4.61 -32.23 -5.42
C LEU B 95 -3.40 -32.96 -6.01
N LEU B 96 -2.22 -32.36 -5.94
CA LEU B 96 -1.03 -32.92 -6.60
C LEU B 96 -0.13 -33.72 -5.65
N LYS B 97 -0.58 -33.97 -4.42
CA LYS B 97 0.23 -34.65 -3.39
C LYS B 97 0.64 -36.02 -3.90
N SER B 98 -0.24 -36.69 -4.63
CA SER B 98 0.10 -38.01 -5.21
C SER B 98 1.18 -37.89 -6.29
N LEU B 99 1.49 -36.71 -6.81
CA LEU B 99 2.54 -36.62 -7.86
C LEU B 99 3.80 -35.98 -7.33
N SER B 100 3.68 -34.97 -6.47
CA SER B 100 4.89 -34.31 -5.93
C SER B 100 4.60 -33.59 -4.62
N PRO B 101 5.53 -33.60 -3.67
CA PRO B 101 5.36 -32.82 -2.46
C PRO B 101 5.93 -31.41 -2.68
N TYR B 102 6.48 -31.15 -3.86
CA TYR B 102 7.11 -29.85 -4.19
C TYR B 102 6.06 -29.11 -5.02
N VAL B 103 5.09 -28.53 -4.36
CA VAL B 103 4.10 -27.65 -5.05
C VAL B 103 4.10 -26.27 -4.41
N LYS B 104 4.06 -25.24 -5.25
CA LYS B 104 4.04 -23.82 -4.84
C LYS B 104 2.80 -23.21 -5.49
N VAL B 105 2.08 -22.36 -4.76
CA VAL B 105 0.84 -21.74 -5.29
C VAL B 105 0.88 -20.23 -5.00
N LYS B 106 0.55 -19.42 -5.98
CA LYS B 106 0.52 -17.97 -5.75
C LYS B 106 -0.62 -17.34 -6.51
N ASN B 107 -0.98 -16.13 -6.11
CA ASN B 107 -1.97 -15.32 -6.83
C ASN B 107 -1.33 -14.92 -8.18
N ASP B 108 -2.14 -14.87 -9.22
CA ASP B 108 -1.72 -14.53 -10.61
C ASP B 108 -0.84 -13.27 -10.68
N VAL B 109 -1.17 -12.19 -9.96
CA VAL B 109 -0.38 -10.92 -10.06
C VAL B 109 0.96 -11.08 -9.34
N ASN B 110 0.97 -11.71 -8.18
CA ASN B 110 2.24 -11.97 -7.47
C ASN B 110 3.17 -12.70 -8.43
N ALA B 111 2.65 -13.73 -9.10
CA ALA B 111 3.42 -14.55 -10.05
C ALA B 111 3.83 -13.67 -11.23
N ALA B 112 2.90 -12.89 -11.77
CA ALA B 112 3.25 -12.03 -12.92
C ALA B 112 4.43 -11.14 -12.54
N LEU B 113 4.35 -10.48 -11.40
CA LEU B 113 5.39 -9.50 -10.98
C LEU B 113 6.72 -10.24 -10.79
N LEU B 114 6.70 -11.33 -10.03
CA LEU B 114 7.94 -12.10 -9.80
C LEU B 114 8.48 -12.57 -11.15
N GLY B 115 7.62 -12.97 -12.07
CA GLY B 115 8.03 -13.43 -13.40
C GLY B 115 8.69 -12.33 -14.20
N GLU B 116 8.03 -11.17 -14.28
CA GLU B 116 8.57 -10.00 -15.03
C GLU B 116 9.92 -9.58 -14.44
N LEU B 117 10.06 -9.61 -13.11
CA LEU B 117 11.34 -9.19 -12.47
C LEU B 117 12.40 -10.27 -12.63
N LYS B 118 12.00 -11.50 -12.95
CA LYS B 118 12.99 -12.58 -13.15
C LYS B 118 13.61 -12.44 -14.54
N LEU B 119 12.85 -11.99 -15.54
CA LEU B 119 13.37 -11.85 -16.91
C LEU B 119 13.82 -10.44 -17.22
N HIS B 120 13.32 -9.43 -16.51
CA HIS B 120 13.68 -8.04 -16.87
C HIS B 120 14.12 -7.28 -15.63
N GLN B 121 15.21 -6.53 -15.77
CA GLN B 121 15.73 -5.77 -14.63
C GLN B 121 15.22 -4.34 -14.72
N TYR B 122 14.97 -3.73 -13.56
CA TYR B 122 14.47 -2.34 -13.52
C TYR B 122 15.30 -1.56 -12.51
N GLN B 123 15.36 -0.25 -12.66
CA GLN B 123 16.12 0.60 -11.72
C GLN B 123 15.26 0.82 -10.47
N ALA B 124 13.96 0.95 -10.68
CA ALA B 124 12.99 1.20 -9.58
C ALA B 124 13.15 0.17 -8.46
N GLU B 125 13.10 0.68 -7.23
CA GLU B 125 13.26 -0.14 -6.00
C GLU B 125 11.91 -0.73 -5.63
N ARG B 126 10.87 0.06 -5.77
CA ARG B 126 9.51 -0.39 -5.39
C ARG B 126 8.69 -0.50 -6.68
N ILE B 127 8.14 -1.67 -6.92
CA ILE B 127 7.37 -1.87 -8.18
C ILE B 127 5.99 -2.39 -7.85
N PHE B 128 4.96 -1.71 -8.36
CA PHE B 128 3.58 -2.21 -8.24
C PHE B 128 3.19 -2.78 -9.59
N CYS B 129 2.55 -3.94 -9.59
CA CYS B 129 2.04 -4.48 -10.85
C CYS B 129 0.51 -4.56 -10.81
N MET B 130 -0.13 -4.07 -11.85
CA MET B 130 -1.59 -4.15 -11.96
C MET B 130 -1.90 -4.87 -13.26
N THR B 131 -2.78 -5.85 -13.20
CA THR B 131 -3.10 -6.56 -14.45
C THR B 131 -4.53 -6.22 -14.83
N LEU B 132 -4.74 -6.02 -16.12
CA LEU B 132 -6.06 -5.72 -16.69
C LEU B 132 -6.41 -6.93 -17.50
N GLY B 133 -7.61 -7.45 -17.33
CA GLY B 133 -7.99 -8.64 -18.09
C GLY B 133 -9.39 -9.07 -17.73
N THR B 134 -9.55 -10.34 -17.39
CA THR B 134 -10.88 -10.86 -17.00
C THR B 134 -11.30 -10.09 -15.76
N GLY B 135 -10.34 -9.89 -14.87
CA GLY B 135 -10.53 -9.06 -13.67
C GLY B 135 -9.37 -8.10 -13.52
N ILE B 136 -9.27 -7.42 -12.39
CA ILE B 136 -8.12 -6.51 -12.17
C ILE B 136 -7.46 -6.96 -10.87
N GLY B 137 -6.18 -7.31 -10.93
CA GLY B 137 -5.43 -7.75 -9.73
C GLY B 137 -4.23 -6.86 -9.48
N GLY B 138 -3.62 -6.96 -8.32
CA GLY B 138 -2.45 -6.14 -8.03
C GLY B 138 -1.44 -6.83 -7.14
N ALA B 139 -0.22 -6.32 -7.11
CA ALA B 139 0.86 -6.87 -6.27
C ALA B 139 1.93 -5.80 -6.10
N TYR B 140 2.59 -5.80 -4.94
CA TYR B 140 3.61 -4.78 -4.61
C TYR B 140 4.89 -5.41 -4.07
N LYS B 141 5.97 -5.19 -4.79
CA LYS B 141 7.29 -5.64 -4.30
C LYS B 141 7.95 -4.40 -3.70
N ASN B 142 8.21 -4.42 -2.40
CA ASN B 142 8.72 -3.19 -1.74
C ASN B 142 10.22 -3.05 -1.91
N ASN B 143 10.75 -2.00 -1.29
CA ASN B 143 12.20 -1.64 -1.33
C ASN B 143 13.05 -2.74 -0.68
N GLN B 144 12.42 -3.69 -0.01
CA GLN B 144 13.18 -4.79 0.63
C GLN B 144 13.03 -6.07 -0.22
N GLY B 145 12.39 -5.95 -1.37
CA GLY B 145 12.16 -7.06 -2.31
C GLY B 145 11.09 -8.03 -1.85
N HIS B 146 10.28 -7.65 -0.88
CA HIS B 146 9.28 -8.58 -0.31
C HIS B 146 7.86 -8.20 -0.76
N ILE B 147 7.03 -9.20 -1.02
CA ILE B 147 5.63 -8.89 -1.41
C ILE B 147 4.77 -9.27 -0.21
N ASP B 148 4.13 -8.30 0.42
CA ASP B 148 3.24 -8.55 1.57
C ASP B 148 1.85 -8.91 1.04
N ASN B 149 1.36 -10.09 1.36
CA ASN B 149 0.03 -10.56 0.88
C ASN B 149 -1.11 -10.15 1.83
N GLY B 150 -0.84 -9.51 2.96
CA GLY B 150 -1.95 -9.09 3.81
C GLY B 150 -2.25 -10.05 4.94
N GLU B 151 -2.96 -9.56 5.96
CA GLU B 151 -3.26 -10.34 7.17
C GLU B 151 -4.13 -11.55 6.83
N LEU B 152 -5.02 -11.41 5.87
CA LEU B 152 -5.90 -12.52 5.46
C LEU B 152 -5.69 -12.85 3.99
N HIS B 153 -4.45 -12.67 3.53
CA HIS B 153 -3.98 -12.99 2.16
C HIS B 153 -4.66 -12.19 1.05
N LYS B 154 -5.44 -11.15 1.35
CA LYS B 154 -6.13 -10.46 0.24
C LYS B 154 -5.55 -9.08 -0.04
N ALA B 155 -4.27 -8.90 0.25
CA ALA B 155 -3.65 -7.59 -0.02
C ALA B 155 -3.67 -7.30 -1.52
N ASN B 156 -3.87 -6.03 -1.83
CA ASN B 156 -3.85 -5.54 -3.21
C ASN B 156 -4.91 -6.19 -4.07
N GLU B 157 -6.11 -6.39 -3.53
CA GLU B 157 -7.29 -6.88 -4.31
C GLU B 157 -7.82 -5.51 -4.73
N VAL B 158 -7.09 -4.89 -5.65
CA VAL B 158 -7.31 -3.53 -6.25
C VAL B 158 -8.60 -3.45 -7.07
N GLY B 159 -9.18 -4.57 -7.45
CA GLY B 159 -10.47 -4.57 -8.15
C GLY B 159 -11.60 -4.07 -7.26
N TYR B 160 -11.41 -4.07 -5.94
CA TYR B 160 -12.48 -3.62 -5.02
C TYR B 160 -12.42 -2.12 -4.76
N LEU B 161 -11.43 -1.42 -5.32
CA LEU B 161 -11.24 0.02 -5.08
C LEU B 161 -12.39 0.87 -5.66
N LEU B 162 -12.49 2.08 -5.15
CA LEU B 162 -13.43 3.09 -5.68
C LEU B 162 -14.85 2.56 -5.88
N TYR B 163 -15.46 1.99 -4.85
CA TYR B 163 -16.87 1.58 -5.01
C TYR B 163 -17.73 2.85 -5.16
N ARG B 164 -18.58 2.88 -6.16
CA ARG B 164 -19.48 4.04 -6.40
C ARG B 164 -20.89 3.64 -5.98
N PRO B 165 -21.44 4.15 -4.87
CA PRO B 165 -22.76 3.77 -4.42
C PRO B 165 -23.88 4.19 -5.39
N THR B 166 -23.67 5.24 -6.16
CA THR B 166 -24.72 5.66 -7.12
C THR B 166 -24.75 4.72 -8.32
N GLU B 167 -23.69 3.95 -8.54
CA GLU B 167 -23.63 3.06 -9.73
C GLU B 167 -23.51 1.59 -9.30
N ASN B 168 -23.27 1.34 -8.02
CA ASN B 168 -23.12 -0.05 -7.51
C ASN B 168 -22.03 -0.78 -8.30
N THR B 169 -20.90 -0.13 -8.56
CA THR B 169 -19.82 -0.78 -9.33
C THR B 169 -18.47 -0.52 -8.69
N THR B 170 -17.61 -1.51 -8.77
CA THR B 170 -16.23 -1.40 -8.28
C THR B 170 -15.33 -1.02 -9.46
N PHE B 171 -14.06 -0.79 -9.17
CA PHE B 171 -13.02 -0.51 -10.17
C PHE B 171 -13.02 -1.65 -11.19
N GLU B 172 -12.94 -2.87 -10.70
CA GLU B 172 -12.89 -4.10 -11.54
C GLU B 172 -14.12 -4.18 -12.46
N GLN B 173 -15.26 -3.68 -12.00
CA GLN B 173 -16.53 -3.72 -12.77
C GLN B 173 -16.57 -2.63 -13.84
N ARG B 174 -15.66 -1.68 -13.81
CA ARG B 174 -15.64 -0.62 -14.83
C ARG B 174 -14.37 -0.73 -15.70
N ALA B 175 -13.31 -1.31 -15.16
CA ALA B 175 -12.02 -1.31 -15.89
C ALA B 175 -11.57 -2.70 -16.33
N ALA B 176 -12.20 -3.78 -15.88
CA ALA B 176 -11.86 -5.14 -16.34
C ALA B 176 -12.00 -5.20 -17.86
N THR B 177 -11.10 -5.94 -18.53
CA THR B 177 -11.15 -6.05 -20.01
C THR B 177 -12.54 -6.36 -20.54
N SER B 178 -13.23 -7.25 -19.83
CA SER B 178 -14.61 -7.65 -20.18
C SER B 178 -15.58 -6.53 -19.87
N ALA B 179 -15.18 -5.54 -19.06
CA ALA B 179 -16.06 -4.38 -18.80
C ALA B 179 -15.94 -3.46 -20.00
N LEU B 180 -14.75 -3.44 -20.59
CA LEU B 180 -14.45 -2.65 -21.80
C LEU B 180 -15.25 -3.24 -22.98
N LYS B 181 -15.43 -4.56 -23.00
CA LYS B 181 -16.19 -5.22 -24.09
C LYS B 181 -17.66 -4.85 -23.94
N LYS B 182 -18.13 -4.77 -22.69
CA LYS B 182 -19.52 -4.37 -22.40
C LYS B 182 -19.70 -2.91 -22.81
N ARG B 183 -18.67 -2.09 -22.59
CA ARG B 183 -18.74 -0.64 -22.90
C ARG B 183 -18.71 -0.43 -24.41
N MET B 184 -17.94 -1.21 -25.14
CA MET B 184 -17.89 -1.09 -26.61
C MET B 184 -19.28 -1.31 -27.18
N ILE B 185 -19.96 -2.32 -26.68
CA ILE B 185 -21.34 -2.72 -27.12
C ILE B 185 -22.35 -1.63 -26.73
N ALA B 186 -22.28 -1.12 -25.51
CA ALA B 186 -23.22 -0.09 -25.03
C ALA B 186 -22.90 1.25 -25.69
N GLY B 187 -21.67 1.46 -26.10
CA GLY B 187 -21.26 2.71 -26.74
C GLY B 187 -21.53 2.73 -28.24
N GLY B 188 -22.13 1.68 -28.77
CA GLY B 188 -22.49 1.57 -30.18
C GLY B 188 -21.35 1.10 -31.07
N PHE B 189 -20.37 0.39 -30.54
CA PHE B 189 -19.27 -0.14 -31.39
C PHE B 189 -19.63 -1.56 -31.80
N THR B 190 -20.25 -1.69 -32.97
CA THR B 190 -20.77 -2.96 -33.54
C THR B 190 -19.74 -3.70 -34.40
N ARG B 191 -18.73 -2.98 -34.89
CA ARG B 191 -17.68 -3.52 -35.78
C ARG B 191 -17.13 -4.84 -35.26
N SER B 192 -16.90 -4.94 -33.96
CA SER B 192 -16.30 -6.19 -33.44
C SER B 192 -16.46 -6.28 -31.93
N THR B 193 -16.20 -7.46 -31.39
CA THR B 193 -16.19 -7.72 -29.92
C THR B 193 -14.75 -8.00 -29.49
N HIS B 194 -13.81 -7.83 -30.41
CA HIS B 194 -12.37 -8.07 -30.16
C HIS B 194 -11.71 -6.74 -29.79
N VAL B 195 -11.20 -6.65 -28.57
CA VAL B 195 -10.58 -5.41 -28.00
C VAL B 195 -9.48 -4.88 -28.91
N PRO B 196 -8.58 -5.69 -29.48
CA PRO B 196 -7.57 -5.16 -30.41
C PRO B 196 -8.18 -4.44 -31.62
N VAL B 197 -9.39 -4.81 -31.99
CA VAL B 197 -10.03 -4.12 -33.15
C VAL B 197 -10.46 -2.72 -32.71
N LEU B 198 -10.84 -2.59 -31.45
CA LEU B 198 -11.21 -1.24 -30.93
C LEU B 198 -9.97 -0.35 -31.00
N PHE B 199 -8.80 -0.90 -30.66
CA PHE B 199 -7.51 -0.18 -30.69
C PHE B 199 -7.16 0.21 -32.13
N GLU B 200 -7.30 -0.74 -33.06
CA GLU B 200 -7.00 -0.52 -34.49
C GLU B 200 -7.88 0.61 -35.01
N ALA B 201 -9.18 0.48 -34.75
CA ALA B 201 -10.18 1.44 -35.24
C ALA B 201 -9.84 2.84 -34.78
N ALA B 202 -9.42 2.97 -33.52
CA ALA B 202 -9.10 4.29 -32.93
C ALA B 202 -7.88 4.88 -33.62
N GLU B 203 -6.88 4.05 -33.92
CA GLU B 203 -5.66 4.49 -34.63
C GLU B 203 -6.02 5.05 -36.00
N GLU B 204 -7.03 4.48 -36.66
CA GLU B 204 -7.42 4.90 -38.03
C GLU B 204 -8.38 6.08 -38.02
N GLY B 205 -8.66 6.66 -36.86
CA GLY B 205 -9.51 7.85 -36.79
C GLY B 205 -10.95 7.58 -36.45
N ASP B 206 -11.27 6.36 -36.02
CA ASP B 206 -12.66 6.10 -35.59
C ASP B 206 -12.92 6.83 -34.26
N ASP B 207 -13.71 7.89 -34.32
CA ASP B 207 -14.05 8.76 -33.18
C ASP B 207 -14.88 8.01 -32.14
N ILE B 208 -15.76 7.11 -32.58
CA ILE B 208 -16.61 6.38 -31.60
C ILE B 208 -15.70 5.46 -30.77
N ALA B 209 -14.72 4.83 -31.42
CA ALA B 209 -13.77 3.94 -30.74
C ALA B 209 -12.88 4.76 -29.82
N LYS B 210 -12.44 5.93 -30.28
CA LYS B 210 -11.57 6.79 -29.45
C LYS B 210 -12.33 7.13 -28.17
N GLN B 211 -13.60 7.54 -28.32
CA GLN B 211 -14.43 7.93 -27.16
C GLN B 211 -14.54 6.78 -26.15
N ILE B 212 -14.79 5.55 -26.63
CA ILE B 212 -14.93 4.39 -25.72
C ILE B 212 -13.60 4.15 -25.00
N LEU B 213 -12.49 4.24 -25.70
CA LEU B 213 -11.14 4.04 -25.10
C LEU B 213 -10.85 5.14 -24.07
N ASN B 214 -11.11 6.41 -24.40
CA ASN B 214 -10.82 7.51 -23.45
C ASN B 214 -11.68 7.41 -22.19
N GLU B 215 -12.97 7.13 -22.31
CA GLU B 215 -13.87 7.01 -21.14
C GLU B 215 -13.39 5.86 -20.25
N TRP B 216 -13.05 4.73 -20.87
CA TRP B 216 -12.57 3.53 -20.15
C TRP B 216 -11.23 3.83 -19.47
N ALA B 217 -10.32 4.46 -20.19
CA ALA B 217 -8.98 4.80 -19.69
C ALA B 217 -9.08 5.75 -18.49
N GLU B 218 -10.09 6.63 -18.49
CA GLU B 218 -10.29 7.59 -17.39
C GLU B 218 -10.50 6.81 -16.08
N ASP B 219 -11.34 5.79 -16.10
CA ASP B 219 -11.61 4.96 -14.90
C ASP B 219 -10.38 4.12 -14.56
N VAL B 220 -9.62 3.66 -15.54
CA VAL B 220 -8.39 2.88 -15.24
C VAL B 220 -7.42 3.82 -14.51
N ALA B 221 -7.24 5.02 -15.07
CA ALA B 221 -6.31 6.02 -14.50
C ALA B 221 -6.70 6.31 -13.05
N GLU B 222 -7.99 6.48 -12.79
CA GLU B 222 -8.51 6.79 -11.44
C GLU B 222 -8.01 5.72 -10.46
N GLY B 223 -8.13 4.45 -10.80
CA GLY B 223 -7.65 3.35 -9.96
C GLY B 223 -6.15 3.43 -9.73
N ILE B 224 -5.40 3.68 -10.78
CA ILE B 224 -3.92 3.82 -10.69
C ILE B 224 -3.58 4.96 -9.72
N ALA B 225 -4.30 6.08 -9.82
CA ALA B 225 -4.08 7.25 -8.94
C ALA B 225 -4.15 6.82 -7.47
N GLN B 226 -5.15 6.04 -7.07
CA GLN B 226 -5.24 5.58 -5.65
C GLN B 226 -4.00 4.77 -5.27
N ILE B 227 -3.60 3.84 -6.13
CA ILE B 227 -2.40 2.96 -5.93
C ILE B 227 -1.15 3.82 -5.75
N GLN B 228 -0.96 4.81 -6.63
CA GLN B 228 0.21 5.74 -6.61
C GLN B 228 0.26 6.45 -5.24
N VAL B 229 -0.87 7.00 -4.82
CA VAL B 229 -0.99 7.77 -3.56
C VAL B 229 -0.55 6.91 -2.36
N MET B 230 -1.02 5.68 -2.27
CA MET B 230 -0.69 4.78 -1.13
C MET B 230 0.78 4.36 -1.18
N TYR B 231 1.24 3.88 -2.32
CA TYR B 231 2.57 3.21 -2.39
C TYR B 231 3.74 4.12 -2.75
N ASP B 232 3.52 5.14 -3.57
CA ASP B 232 4.59 6.03 -4.07
C ASP B 232 5.66 5.13 -4.67
N PRO B 233 5.30 4.23 -5.60
CA PRO B 233 6.24 3.28 -6.16
C PRO B 233 7.19 3.92 -7.17
N GLY B 234 8.28 3.23 -7.43
CA GLY B 234 9.27 3.68 -8.41
C GLY B 234 8.81 3.36 -9.82
N LEU B 235 7.88 2.42 -9.94
CA LEU B 235 7.38 1.99 -11.26
C LEU B 235 6.04 1.27 -11.09
N ILE B 236 5.12 1.52 -12.00
CA ILE B 236 3.84 0.78 -12.05
C ILE B 236 3.84 0.02 -13.35
N LEU B 237 3.72 -1.30 -13.29
CA LEU B 237 3.71 -2.15 -14.49
C LEU B 237 2.29 -2.59 -14.80
N ILE B 238 1.87 -2.47 -16.05
CA ILE B 238 0.53 -2.97 -16.46
C ILE B 238 0.73 -4.29 -17.19
N GLY B 239 0.14 -5.34 -16.65
CA GLY B 239 0.15 -6.70 -17.22
C GLY B 239 -1.24 -7.10 -17.67
N GLY B 240 -1.40 -8.37 -18.02
CA GLY B 240 -2.68 -8.88 -18.52
C GLY B 240 -2.70 -8.88 -20.04
N GLY B 241 -3.70 -9.53 -20.62
CA GLY B 241 -3.82 -9.66 -22.08
C GLY B 241 -3.75 -8.33 -22.79
N ILE B 242 -4.34 -7.30 -22.20
CA ILE B 242 -4.39 -5.97 -22.84
C ILE B 242 -3.00 -5.34 -22.86
N SER B 243 -2.06 -5.90 -22.11
CA SER B 243 -0.66 -5.39 -22.05
C SER B 243 0.03 -5.48 -23.41
N GLU B 244 -0.51 -6.30 -24.33
CA GLU B 244 0.04 -6.52 -25.70
C GLU B 244 -0.07 -5.24 -26.51
N GLN B 245 -0.93 -4.31 -26.09
CA GLN B 245 -1.11 -3.01 -26.79
C GLN B 245 0.09 -2.11 -26.53
N GLY B 246 0.95 -2.49 -25.58
CA GLY B 246 2.17 -1.72 -25.22
C GLY B 246 1.93 -0.23 -25.07
N ASP B 247 2.74 0.57 -25.75
CA ASP B 247 2.71 2.05 -25.69
C ASP B 247 1.35 2.57 -26.16
N ASN B 248 0.63 1.80 -26.97
CA ASN B 248 -0.70 2.28 -27.43
C ASN B 248 -1.70 2.20 -26.28
N LEU B 249 -1.42 1.40 -25.26
CA LEU B 249 -2.36 1.38 -24.13
C LEU B 249 -1.95 2.51 -23.18
N ILE B 250 -0.64 2.65 -22.96
CA ILE B 250 -0.04 3.65 -22.04
C ILE B 250 -0.44 5.07 -22.43
N LYS B 251 -0.48 5.37 -23.73
CA LYS B 251 -0.82 6.73 -24.20
C LYS B 251 -2.25 7.08 -23.77
N TYR B 252 -3.10 6.09 -23.60
CA TYR B 252 -4.49 6.36 -23.18
C TYR B 252 -4.58 6.58 -21.66
N ILE B 253 -3.77 5.83 -20.90
CA ILE B 253 -3.87 5.86 -19.41
C ILE B 253 -2.99 6.88 -18.70
N GLU B 254 -1.66 6.82 -18.88
CA GLU B 254 -0.66 7.67 -18.19
C GLU B 254 -1.10 9.14 -18.04
N PRO B 255 -1.38 9.88 -19.11
CA PRO B 255 -1.77 11.27 -18.99
C PRO B 255 -2.97 11.50 -18.06
N LYS B 256 -3.94 10.61 -18.11
CA LYS B 256 -5.20 10.72 -17.34
C LYS B 256 -4.98 10.51 -15.83
N VAL B 257 -3.93 9.80 -15.44
CA VAL B 257 -3.63 9.54 -14.00
C VAL B 257 -3.50 10.88 -13.28
N ALA B 258 -2.89 11.86 -13.93
CA ALA B 258 -2.68 13.21 -13.40
C ALA B 258 -3.99 13.89 -13.01
N HIS B 259 -5.11 13.51 -13.62
CA HIS B 259 -6.44 14.10 -13.33
C HIS B 259 -6.94 13.81 -11.91
N TYR B 260 -6.39 12.79 -11.26
CA TYR B 260 -6.85 12.38 -9.91
C TYR B 260 -5.78 12.70 -8.86
N LEU B 261 -4.73 13.36 -9.30
CA LEU B 261 -3.63 13.81 -8.43
C LEU B 261 -3.55 15.33 -8.44
N PRO B 262 -2.86 15.96 -7.46
CA PRO B 262 -2.67 17.40 -7.43
C PRO B 262 -1.74 17.82 -8.56
N LYS B 263 -1.85 19.08 -8.98
CA LYS B 263 -1.13 19.69 -10.12
C LYS B 263 0.38 19.46 -10.07
N ASP B 264 1.03 19.54 -8.93
CA ASP B 264 2.49 19.38 -9.00
C ASP B 264 2.93 17.99 -8.54
N TYR B 265 2.00 17.06 -8.43
CA TYR B 265 2.31 15.69 -7.94
C TYR B 265 3.07 14.85 -8.98
N VAL B 266 4.26 14.39 -8.61
CA VAL B 266 5.07 13.53 -9.50
C VAL B 266 4.64 12.07 -9.30
N TYR B 267 4.09 11.44 -10.32
CA TYR B 267 3.72 10.02 -10.12
C TYR B 267 4.72 9.12 -10.87
N ALA B 268 4.71 7.84 -10.57
CA ALA B 268 5.66 6.88 -11.17
C ALA B 268 5.44 6.68 -12.66
N PRO B 269 6.48 6.30 -13.41
CA PRO B 269 6.33 5.91 -14.79
C PRO B 269 5.38 4.69 -14.85
N ILE B 270 4.48 4.69 -15.83
CA ILE B 270 3.53 3.56 -16.00
C ILE B 270 3.90 2.88 -17.31
N GLN B 271 4.25 1.60 -17.26
CA GLN B 271 4.67 0.89 -18.48
C GLN B 271 3.96 -0.45 -18.60
N THR B 272 3.85 -0.99 -19.81
CA THR B 272 3.30 -2.36 -19.95
C THR B 272 4.40 -3.35 -19.57
N THR B 273 4.05 -4.59 -19.25
CA THR B 273 5.08 -5.59 -18.92
C THR B 273 5.84 -5.98 -20.19
N LYS B 274 7.11 -6.37 -20.05
CA LYS B 274 7.95 -6.78 -21.20
C LYS B 274 7.57 -8.21 -21.56
N SER B 275 7.62 -9.11 -20.58
CA SER B 275 7.16 -10.48 -20.85
C SER B 275 5.65 -10.32 -20.90
N LYS B 276 5.07 -10.34 -22.08
CA LYS B 276 3.62 -10.01 -22.14
C LYS B 276 2.76 -11.19 -21.73
N ASN B 277 3.00 -12.36 -22.30
CA ASN B 277 2.11 -13.53 -22.06
C ASN B 277 2.53 -14.42 -20.89
N ASP B 278 3.81 -14.72 -20.75
CA ASP B 278 4.23 -15.79 -19.81
C ASP B 278 4.80 -15.37 -18.45
N ALA B 279 4.67 -14.12 -18.04
CA ALA B 279 5.29 -13.68 -16.76
C ALA B 279 4.92 -14.61 -15.61
N ALA B 280 3.63 -14.91 -15.44
CA ALA B 280 3.12 -15.72 -14.33
C ALA B 280 3.73 -17.11 -14.34
N LEU B 281 3.97 -17.68 -15.51
CA LEU B 281 4.56 -19.04 -15.58
C LEU B 281 5.95 -19.03 -14.95
N TYR B 282 6.70 -17.95 -15.09
CA TYR B 282 8.03 -17.88 -14.45
C TYR B 282 7.88 -17.57 -12.97
N GLY B 283 6.92 -16.70 -12.65
CA GLY B 283 6.69 -16.21 -11.29
C GLY B 283 6.22 -17.27 -10.32
N CYS B 284 5.42 -18.24 -10.77
CA CYS B 284 4.84 -19.23 -9.83
C CYS B 284 5.90 -20.18 -9.28
N LEU B 285 7.13 -20.17 -9.81
CA LEU B 285 8.19 -21.11 -9.37
C LEU B 285 9.21 -20.42 -8.47
N GLN B 286 8.99 -19.14 -8.19
CA GLN B 286 9.93 -18.34 -7.37
C GLN B 286 9.63 -18.44 -5.88
N MET C 1 20.98 8.68 28.37
CA MET C 1 19.81 9.30 29.04
C MET C 1 19.60 10.73 28.51
N TYR C 2 18.35 11.13 28.42
CA TYR C 2 17.88 12.47 27.97
C TYR C 2 18.02 12.65 26.47
N TYR C 3 16.91 12.45 25.78
CA TYR C 3 16.73 12.69 24.33
C TYR C 3 15.78 13.90 24.21
N ILE C 4 15.91 14.70 23.18
CA ILE C 4 14.95 15.83 22.97
C ILE C 4 14.00 15.40 21.85
N ALA C 5 12.71 15.53 22.06
CA ALA C 5 11.71 15.17 21.05
C ALA C 5 10.83 16.38 20.78
N ILE C 6 10.58 16.64 19.50
CA ILE C 6 9.76 17.79 19.02
C ILE C 6 8.80 17.30 17.95
N ASP C 7 7.52 17.60 18.11
CA ASP C 7 6.44 17.17 17.19
C ASP C 7 5.80 18.41 16.58
N ILE C 8 5.99 18.59 15.28
CA ILE C 8 5.46 19.80 14.59
C ILE C 8 4.22 19.47 13.76
N GLY C 9 3.16 20.24 13.98
CA GLY C 9 1.86 20.15 13.29
C GLY C 9 1.35 21.53 12.91
N GLY C 10 0.25 21.59 12.16
CA GLY C 10 -0.30 22.87 11.71
C GLY C 10 -0.81 23.72 12.83
N THR C 11 -1.35 23.09 13.87
CA THR C 11 -1.91 23.79 15.04
C THR C 11 -0.88 23.91 16.17
N GLN C 12 -0.17 22.85 16.49
CA GLN C 12 0.72 22.96 17.67
C GLN C 12 2.12 22.39 17.47
N ILE C 13 3.06 22.88 18.24
CA ILE C 13 4.41 22.29 18.30
C ILE C 13 4.52 21.71 19.70
N LYS C 14 4.74 20.42 19.80
CA LYS C 14 4.90 19.71 21.10
C LYS C 14 6.37 19.39 21.27
N SER C 15 6.80 19.35 22.51
CA SER C 15 8.21 19.06 22.84
C SER C 15 8.28 18.44 24.22
N ALA C 16 9.36 17.72 24.48
CA ALA C 16 9.62 17.10 25.78
C ALA C 16 11.00 16.45 25.77
N VAL C 17 11.52 16.17 26.96
CA VAL C 17 12.78 15.42 27.13
C VAL C 17 12.34 14.01 27.52
N ILE C 18 12.92 13.00 26.91
CA ILE C 18 12.55 11.59 27.18
C ILE C 18 13.81 10.84 27.60
N ASP C 19 13.71 10.02 28.63
CA ASP C 19 14.91 9.30 29.10
C ASP C 19 15.00 7.94 28.43
N LYS C 20 16.10 7.23 28.67
CA LYS C 20 16.28 5.88 28.09
C LYS C 20 15.08 5.01 28.44
N GLN C 21 14.46 5.21 29.60
CA GLN C 21 13.39 4.29 30.03
C GLN C 21 12.00 4.72 29.62
N LEU C 22 11.93 5.65 28.67
CA LEU C 22 10.66 6.11 28.07
C LEU C 22 9.89 7.04 29.00
N ASN C 23 10.57 7.65 29.99
CA ASN C 23 9.88 8.61 30.89
C ASN C 23 9.90 9.99 30.24
N MET C 24 8.72 10.62 30.13
CA MET C 24 8.60 11.97 29.53
C MET C 24 9.14 13.01 30.52
N PHE C 25 9.72 14.10 30.02
CA PHE C 25 10.30 15.14 30.91
C PHE C 25 10.12 16.54 30.31
N ASP C 26 9.52 17.44 31.09
CA ASP C 26 9.30 18.85 30.70
C ASP C 26 8.48 18.96 29.39
N TYR C 27 7.27 18.43 29.38
CA TYR C 27 6.41 18.56 28.19
C TYR C 27 6.05 20.03 27.98
N GLN C 28 6.14 20.46 26.73
CA GLN C 28 5.77 21.82 26.33
C GLN C 28 4.85 21.71 25.12
N GLN C 29 4.01 22.71 24.94
CA GLN C 29 3.02 22.73 23.84
C GLN C 29 2.69 24.19 23.53
N ILE C 30 3.00 24.65 22.33
CA ILE C 30 2.70 26.04 21.92
C ILE C 30 1.97 26.02 20.59
N SER C 31 1.30 27.12 20.28
CA SER C 31 0.63 27.31 19.00
C SER C 31 1.72 27.34 17.94
N THR C 32 1.50 26.69 16.81
CA THR C 32 2.50 26.74 15.72
C THR C 32 2.59 28.17 15.21
N PRO C 33 3.80 28.72 15.10
CA PRO C 33 4.01 30.05 14.54
C PRO C 33 3.41 30.07 13.13
N ASP C 34 2.93 31.24 12.70
CA ASP C 34 2.24 31.40 11.39
C ASP C 34 3.21 31.17 10.22
N ASN C 35 4.48 30.88 10.52
CA ASN C 35 5.51 30.63 9.46
C ASN C 35 5.55 31.84 8.51
N LYS C 36 5.59 33.05 9.08
CA LYS C 36 5.66 34.32 8.31
C LYS C 36 6.53 35.28 9.12
N SER C 37 5.93 36.06 10.01
CA SER C 37 6.72 36.95 10.89
C SER C 37 7.31 36.14 12.06
N GLU C 38 6.71 35.00 12.39
CA GLU C 38 7.28 34.14 13.45
C GLU C 38 7.63 32.82 12.76
N LEU C 39 8.87 32.38 12.89
CA LEU C 39 9.36 31.19 12.15
C LEU C 39 9.42 29.93 13.02
N ILE C 40 9.08 28.83 12.38
CA ILE C 40 9.09 27.48 13.00
C ILE C 40 10.55 27.08 13.27
N THR C 41 11.46 27.40 12.37
CA THR C 41 12.88 27.01 12.61
C THR C 41 13.38 27.73 13.86
N ASP C 42 13.09 29.02 13.99
CA ASP C 42 13.49 29.81 15.17
C ASP C 42 12.94 29.15 16.44
N LYS C 43 11.67 28.78 16.42
CA LYS C 43 11.00 28.13 17.57
C LYS C 43 11.64 26.78 17.91
N VAL C 44 12.01 26.00 16.91
CA VAL C 44 12.62 24.67 17.13
C VAL C 44 14.02 24.87 17.73
N TYR C 45 14.74 25.87 17.22
CA TYR C 45 16.09 26.19 17.72
C TYR C 45 15.98 26.60 19.20
N GLU C 46 15.06 27.49 19.49
CA GLU C 46 14.80 27.99 20.86
C GLU C 46 14.44 26.83 21.79
N ILE C 47 13.58 25.92 21.37
CA ILE C 47 13.17 24.79 22.23
C ILE C 47 14.38 23.90 22.51
N VAL C 48 15.22 23.66 21.51
CA VAL C 48 16.39 22.77 21.67
C VAL C 48 17.42 23.39 22.61
N THR C 49 17.68 24.69 22.46
CA THR C 49 18.69 25.35 23.32
C THR C 49 18.18 25.40 24.75
N GLY C 50 16.88 25.62 24.90
CA GLY C 50 16.28 25.69 26.24
C GLY C 50 16.46 24.39 26.96
N TYR C 51 16.25 23.28 26.27
CA TYR C 51 16.41 21.96 26.93
C TYR C 51 17.89 21.70 27.20
N MET C 52 18.77 22.20 26.34
CA MET C 52 20.22 21.95 26.51
C MET C 52 20.72 22.68 27.74
N LYS C 53 20.24 23.89 27.98
CA LYS C 53 20.66 24.71 29.14
C LYS C 53 20.17 24.06 30.46
N GLN C 54 18.90 23.67 30.48
CA GLN C 54 18.21 23.07 31.64
C GLN C 54 18.89 21.78 32.03
N TYR C 55 19.25 20.95 31.07
CA TYR C 55 19.82 19.64 31.44
C TYR C 55 21.31 19.58 31.18
N GLN C 56 21.93 20.68 30.81
CA GLN C 56 23.38 20.70 30.48
C GLN C 56 23.66 19.55 29.50
N LEU C 57 22.94 19.54 28.38
CA LEU C 57 23.04 18.48 27.36
C LEU C 57 24.09 18.86 26.33
N ILE C 58 25.01 17.94 26.07
CA ILE C 58 26.08 18.18 25.06
C ILE C 58 25.81 17.29 23.85
N GLN C 59 25.59 17.91 22.70
CA GLN C 59 25.30 17.18 21.44
C GLN C 59 24.17 16.19 21.69
N PRO C 60 22.99 16.64 22.14
CA PRO C 60 21.91 15.73 22.45
C PRO C 60 21.28 15.04 21.25
N VAL C 61 20.75 13.85 21.48
CA VAL C 61 19.99 13.17 20.41
C VAL C 61 18.66 13.91 20.26
N ILE C 62 18.36 14.40 19.07
CA ILE C 62 17.13 15.20 18.81
C ILE C 62 16.24 14.49 17.79
N GLY C 63 15.02 14.18 18.17
CA GLY C 63 14.04 13.56 17.28
C GLY C 63 13.07 14.62 16.82
N ILE C 64 12.76 14.65 15.54
CA ILE C 64 11.78 15.64 15.02
C ILE C 64 10.66 14.92 14.28
N SER C 65 9.43 15.14 14.72
CA SER C 65 8.24 14.60 14.07
C SER C 65 7.63 15.78 13.31
N SER C 66 7.23 15.58 12.06
CA SER C 66 6.65 16.73 11.33
C SER C 66 5.66 16.33 10.24
N ALA C 67 4.63 17.14 10.12
CA ALA C 67 3.65 17.11 9.03
C ALA C 67 4.41 17.41 7.73
N GLY C 68 4.01 16.77 6.64
CA GLY C 68 4.63 16.97 5.33
C GLY C 68 5.50 15.80 4.89
N VAL C 69 5.85 15.78 3.62
CA VAL C 69 6.74 14.74 3.05
C VAL C 69 8.13 14.91 3.65
N VAL C 70 8.65 13.88 4.27
CA VAL C 70 9.98 13.95 4.94
C VAL C 70 10.95 12.99 4.28
N ASP C 71 12.11 13.52 3.93
CA ASP C 71 13.25 12.72 3.46
C ASP C 71 14.05 12.43 4.74
N GLU C 72 13.85 11.28 5.34
CA GLU C 72 14.51 10.97 6.64
C GLU C 72 16.02 11.14 6.58
N GLN C 73 16.67 10.57 5.58
CA GLN C 73 18.15 10.61 5.49
C GLN C 73 18.63 12.05 5.32
N LYS C 74 17.92 12.82 4.49
CA LYS C 74 18.27 14.23 4.27
C LYS C 74 17.82 15.06 5.47
N GLY C 75 16.84 14.57 6.22
CA GLY C 75 16.28 15.27 7.38
C GLY C 75 15.60 16.54 6.92
N GLU C 76 14.93 16.48 5.79
CA GLU C 76 14.37 17.69 5.17
C GLU C 76 12.91 17.52 4.78
N ILE C 77 12.15 18.59 4.92
CA ILE C 77 10.76 18.62 4.45
C ILE C 77 10.84 18.76 2.94
N VAL C 78 10.44 17.72 2.21
CA VAL C 78 10.51 17.71 0.74
C VAL C 78 9.32 18.46 0.14
N TYR C 79 8.12 18.23 0.66
CA TYR C 79 6.92 18.95 0.16
C TYR C 79 5.95 19.11 1.33
N ALA C 80 5.25 20.23 1.31
CA ALA C 80 4.27 20.45 2.36
C ALA C 80 3.01 20.98 1.71
N GLY C 81 1.88 20.60 2.25
CA GLY C 81 0.61 21.18 1.82
C GLY C 81 0.50 22.61 2.31
N PRO C 82 -0.61 23.32 1.98
CA PRO C 82 -0.80 24.70 2.40
C PRO C 82 -1.04 24.84 3.91
N THR C 83 -1.13 23.71 4.63
CA THR C 83 -1.34 23.72 6.10
C THR C 83 -0.30 24.64 6.74
N ILE C 84 0.97 24.41 6.42
CA ILE C 84 2.11 25.24 6.94
C ILE C 84 2.74 25.94 5.73
N PRO C 85 2.72 27.29 5.63
CA PRO C 85 3.27 27.98 4.50
C PRO C 85 4.78 28.14 4.61
N ASN C 86 5.42 28.21 3.44
CA ASN C 86 6.89 28.36 3.28
C ASN C 86 7.61 27.23 4.03
N TYR C 87 7.02 26.04 4.04
CA TYR C 87 7.60 24.91 4.82
C TYR C 87 8.57 24.09 3.97
N LYS C 88 8.29 23.95 2.68
CA LYS C 88 9.15 23.17 1.77
C LYS C 88 10.62 23.58 1.91
N GLY C 89 11.50 22.60 2.02
CA GLY C 89 12.95 22.85 2.09
C GLY C 89 13.49 22.97 3.49
N THR C 90 12.63 23.06 4.49
CA THR C 90 13.10 23.18 5.89
C THR C 90 13.98 21.97 6.20
N ASN C 91 15.25 22.19 6.49
CA ASN C 91 16.20 21.09 6.80
C ASN C 91 16.61 21.21 8.27
N PHE C 92 16.17 20.27 9.09
CA PHE C 92 16.41 20.29 10.56
C PHE C 92 17.85 19.91 10.89
N LYS C 93 18.42 18.99 10.12
CA LYS C 93 19.82 18.58 10.36
C LYS C 93 20.72 19.80 10.16
N ARG C 94 20.50 20.57 9.11
CA ARG C 94 21.32 21.78 8.85
C ARG C 94 21.03 22.82 9.94
N LEU C 95 19.76 22.97 10.31
CA LEU C 95 19.29 23.95 11.31
C LEU C 95 20.00 23.76 12.66
N LEU C 96 20.15 22.53 13.12
CA LEU C 96 20.71 22.27 14.48
C LEU C 96 22.16 21.79 14.43
N LYS C 97 22.75 21.75 13.23
CA LYS C 97 24.11 21.30 12.89
C LYS C 97 25.11 21.66 14.00
N SER C 98 24.98 22.86 14.53
CA SER C 98 25.97 23.44 15.49
C SER C 98 25.67 22.94 16.91
N LEU C 99 24.39 22.66 17.20
CA LEU C 99 23.99 22.17 18.54
C LEU C 99 24.23 20.66 18.65
N SER C 100 24.01 19.94 17.56
CA SER C 100 24.17 18.48 17.60
C SER C 100 24.22 17.90 16.18
N PRO C 101 25.05 16.88 15.93
CA PRO C 101 25.03 16.21 14.65
C PRO C 101 23.99 15.07 14.71
N TYR C 102 23.36 14.83 15.87
CA TYR C 102 22.44 13.68 16.03
C TYR C 102 21.01 14.20 15.93
N VAL C 103 20.53 14.36 14.72
CA VAL C 103 19.12 14.77 14.50
C VAL C 103 18.43 13.73 13.62
N LYS C 104 17.24 13.31 14.02
CA LYS C 104 16.42 12.40 13.21
C LYS C 104 15.15 13.14 12.83
N VAL C 105 14.65 12.92 11.61
CA VAL C 105 13.40 13.58 11.16
C VAL C 105 12.46 12.54 10.53
N LYS C 106 11.24 12.48 11.02
CA LYS C 106 10.23 11.54 10.48
C LYS C 106 8.93 12.30 10.20
N ASN C 107 8.09 11.74 9.33
CA ASN C 107 6.74 12.28 9.07
C ASN C 107 5.90 12.02 10.33
N ASP C 108 4.97 12.91 10.61
CA ASP C 108 4.10 12.88 11.82
C ASP C 108 3.43 11.52 12.02
N VAL C 109 2.85 10.96 10.96
CA VAL C 109 2.08 9.69 11.08
C VAL C 109 3.04 8.50 11.30
N ASN C 110 4.19 8.49 10.67
CA ASN C 110 5.20 7.43 10.91
C ASN C 110 5.58 7.50 12.40
N ALA C 111 5.73 8.73 12.92
CA ALA C 111 6.13 8.95 14.32
C ALA C 111 5.03 8.47 15.28
N ALA C 112 3.79 8.83 15.00
CA ALA C 112 2.62 8.43 15.80
C ALA C 112 2.53 6.90 15.88
N LEU C 113 2.65 6.21 14.74
CA LEU C 113 2.52 4.73 14.70
C LEU C 113 3.68 4.08 15.47
N LEU C 114 4.88 4.56 15.25
CA LEU C 114 6.07 4.01 15.93
C LEU C 114 5.92 4.26 17.43
N GLY C 115 5.38 5.42 17.80
CA GLY C 115 5.14 5.80 19.19
C GLY C 115 4.08 4.90 19.80
N GLU C 116 2.96 4.78 19.12
CA GLU C 116 1.85 3.93 19.60
C GLU C 116 2.36 2.51 19.83
N LEU C 117 3.13 1.97 18.91
CA LEU C 117 3.59 0.56 19.00
C LEU C 117 4.71 0.40 20.04
N LYS C 118 5.36 1.49 20.42
CA LYS C 118 6.42 1.43 21.44
C LYS C 118 5.75 1.28 22.81
N LEU C 119 4.63 1.97 22.98
CA LEU C 119 3.86 2.08 24.24
C LEU C 119 2.79 0.99 24.38
N HIS C 120 2.20 0.54 23.29
CA HIS C 120 1.09 -0.44 23.40
C HIS C 120 1.31 -1.64 22.50
N GLN C 121 1.02 -2.83 23.00
CA GLN C 121 1.20 -4.08 22.23
C GLN C 121 -0.10 -4.47 21.52
N TYR C 122 0.01 -4.93 20.28
CA TYR C 122 -1.15 -5.42 19.49
C TYR C 122 -0.85 -6.82 18.96
N GLN C 123 -1.88 -7.63 18.80
CA GLN C 123 -1.71 -9.01 18.27
C GLN C 123 -1.43 -8.91 16.77
N ALA C 124 -2.12 -7.98 16.11
CA ALA C 124 -1.99 -7.78 14.65
C ALA C 124 -0.54 -7.59 14.24
N GLU C 125 -0.21 -8.14 13.09
CA GLU C 125 1.14 -8.01 12.50
C GLU C 125 1.17 -6.80 11.57
N ARG C 126 0.12 -6.61 10.79
CA ARG C 126 0.06 -5.49 9.83
C ARG C 126 -0.80 -4.39 10.44
N ILE C 127 -0.20 -3.22 10.69
CA ILE C 127 -0.95 -2.11 11.33
C ILE C 127 -0.90 -0.86 10.46
N PHE C 128 -2.06 -0.32 10.14
CA PHE C 128 -2.07 0.95 9.39
C PHE C 128 -2.58 2.05 10.32
N CYS C 129 -1.87 3.14 10.41
CA CYS C 129 -2.37 4.26 11.24
C CYS C 129 -2.77 5.44 10.35
N MET C 130 -4.00 5.91 10.52
CA MET C 130 -4.49 7.11 9.80
C MET C 130 -4.78 8.17 10.86
N THR C 131 -4.18 9.34 10.71
CA THR C 131 -4.48 10.42 11.68
C THR C 131 -5.49 11.39 11.04
N LEU C 132 -6.36 11.93 11.86
CA LEU C 132 -7.41 12.90 11.47
C LEU C 132 -7.17 14.19 12.23
N GLY C 133 -7.16 15.31 11.55
CA GLY C 133 -6.97 16.59 12.24
C GLY C 133 -6.79 17.72 11.25
N THR C 134 -5.77 18.54 11.50
CA THR C 134 -5.37 19.67 10.64
C THR C 134 -5.22 19.12 9.23
N GLY C 135 -4.60 17.95 9.13
CA GLY C 135 -4.49 17.26 7.85
C GLY C 135 -4.80 15.78 8.05
N ILE C 136 -4.88 15.06 6.95
CA ILE C 136 -5.10 13.60 7.03
C ILE C 136 -3.84 12.92 6.50
N GLY C 137 -3.22 12.08 7.32
CA GLY C 137 -1.99 11.38 6.97
C GLY C 137 -2.05 9.90 7.29
N GLY C 138 -1.08 9.13 6.81
CA GLY C 138 -1.06 7.69 7.04
C GLY C 138 0.32 7.08 7.08
N ALA C 139 0.41 5.86 7.63
CA ALA C 139 1.66 5.10 7.75
C ALA C 139 1.32 3.62 7.90
N TYR C 140 2.11 2.73 7.28
CA TYR C 140 1.79 1.29 7.35
C TYR C 140 3.00 0.46 7.81
N LYS C 141 2.87 -0.17 8.99
CA LYS C 141 3.92 -1.08 9.52
C LYS C 141 3.59 -2.48 8.99
N ASN C 142 4.42 -3.01 8.08
CA ASN C 142 4.11 -4.31 7.45
C ASN C 142 4.45 -5.47 8.38
N ASN C 143 4.25 -6.68 7.86
CA ASN C 143 4.43 -7.93 8.62
C ASN C 143 5.88 -8.09 9.04
N GLN C 144 6.80 -7.42 8.35
CA GLN C 144 8.24 -7.54 8.68
C GLN C 144 8.67 -6.44 9.64
N GLY C 145 7.73 -5.59 10.06
CA GLY C 145 7.99 -4.51 11.02
C GLY C 145 8.59 -3.29 10.36
N HIS C 146 8.56 -3.23 9.04
CA HIS C 146 9.15 -2.09 8.31
C HIS C 146 8.07 -1.10 7.88
N ILE C 147 8.39 0.20 7.89
CA ILE C 147 7.49 1.25 7.36
C ILE C 147 8.15 1.79 6.10
N ASP C 148 7.54 1.52 4.95
CA ASP C 148 8.03 1.97 3.63
C ASP C 148 7.51 3.39 3.37
N ASN C 149 8.43 4.31 3.12
CA ASN C 149 8.10 5.73 2.88
C ASN C 149 7.94 6.03 1.39
N GLY C 150 8.14 5.04 0.53
CA GLY C 150 7.98 5.26 -0.91
C GLY C 150 9.26 5.66 -1.60
N GLU C 151 9.24 5.60 -2.92
CA GLU C 151 10.40 5.90 -3.79
C GLU C 151 10.74 7.37 -3.66
N LEU C 152 9.75 8.22 -3.52
CA LEU C 152 9.99 9.67 -3.39
C LEU C 152 9.54 10.18 -2.02
N HIS C 153 9.61 9.32 -1.00
CA HIS C 153 9.24 9.65 0.41
C HIS C 153 7.77 10.01 0.62
N LYS C 154 6.89 9.82 -0.36
CA LYS C 154 5.49 10.27 -0.16
C LYS C 154 4.46 9.14 -0.08
N ALA C 155 4.88 7.98 0.38
CA ALA C 155 3.95 6.85 0.55
C ALA C 155 2.90 7.18 1.63
N ASN C 156 1.70 6.67 1.46
CA ASN C 156 0.62 6.81 2.45
C ASN C 156 0.21 8.26 2.67
N GLU C 157 0.26 9.08 1.63
CA GLU C 157 -0.24 10.47 1.69
C GLU C 157 -1.73 10.37 1.34
N VAL C 158 -2.46 9.66 2.20
CA VAL C 158 -3.90 9.27 2.09
C VAL C 158 -4.83 10.47 1.95
N GLY C 159 -4.36 11.68 2.22
CA GLY C 159 -5.17 12.89 2.02
C GLY C 159 -5.43 13.13 0.54
N TYR C 160 -4.62 12.52 -0.33
CA TYR C 160 -4.78 12.70 -1.78
C TYR C 160 -5.72 11.67 -2.40
N LEU C 161 -6.24 10.74 -1.62
CA LEU C 161 -7.17 9.72 -2.14
C LEU C 161 -8.50 10.34 -2.61
N LEU C 162 -9.19 9.59 -3.47
CA LEU C 162 -10.56 9.87 -3.88
C LEU C 162 -10.76 11.30 -4.37
N TYR C 163 -9.97 11.75 -5.33
CA TYR C 163 -10.22 13.09 -5.88
C TYR C 163 -11.56 13.04 -6.62
N ARG C 164 -12.48 13.92 -6.30
CA ARG C 164 -13.77 13.98 -7.01
C ARG C 164 -13.71 15.14 -8.02
N PRO C 165 -13.58 14.85 -9.32
CA PRO C 165 -13.45 15.88 -10.33
C PRO C 165 -14.66 16.83 -10.38
N THR C 166 -15.85 16.30 -10.15
CA THR C 166 -17.08 17.12 -10.20
C THR C 166 -17.19 18.03 -8.96
N GLU C 167 -16.41 17.79 -7.93
CA GLU C 167 -16.47 18.62 -6.70
C GLU C 167 -15.13 19.32 -6.45
N ASN C 168 -14.09 18.90 -7.15
CA ASN C 168 -12.73 19.47 -6.99
C ASN C 168 -12.23 19.29 -5.55
N THR C 169 -12.55 18.17 -4.91
CA THR C 169 -12.06 17.96 -3.54
C THR C 169 -11.36 16.61 -3.37
N THR C 170 -10.33 16.61 -2.56
CA THR C 170 -9.65 15.35 -2.18
C THR C 170 -10.24 14.87 -0.85
N PHE C 171 -9.79 13.71 -0.39
CA PHE C 171 -10.20 13.17 0.91
C PHE C 171 -9.93 14.24 1.98
N GLU C 172 -8.70 14.75 2.01
CA GLU C 172 -8.28 15.78 3.01
C GLU C 172 -9.17 17.03 2.93
N GLN C 173 -9.57 17.45 1.73
CA GLN C 173 -10.39 18.68 1.58
C GLN C 173 -11.83 18.44 2.04
N ARG C 174 -12.18 17.21 2.39
CA ARG C 174 -13.54 16.90 2.86
C ARG C 174 -13.51 16.47 4.34
N ALA C 175 -12.42 15.90 4.82
CA ALA C 175 -12.43 15.29 6.17
C ALA C 175 -11.48 15.96 7.18
N ALA C 176 -10.56 16.79 6.74
CA ALA C 176 -9.67 17.52 7.67
C ALA C 176 -10.46 18.55 8.48
N THR C 177 -9.92 18.91 9.65
CA THR C 177 -10.55 19.83 10.62
C THR C 177 -11.18 21.05 9.92
N SER C 178 -10.43 21.75 9.08
CA SER C 178 -10.95 22.97 8.41
C SER C 178 -12.16 22.63 7.55
N ALA C 179 -12.14 21.50 6.87
CA ALA C 179 -13.26 21.06 6.02
C ALA C 179 -14.50 20.81 6.87
N LEU C 180 -14.29 20.14 7.99
CA LEU C 180 -15.36 19.79 8.95
C LEU C 180 -15.98 21.05 9.57
N LYS C 181 -15.17 22.08 9.85
CA LYS C 181 -15.66 23.35 10.43
C LYS C 181 -16.55 24.05 9.40
N LYS C 182 -16.20 23.92 8.12
CA LYS C 182 -17.00 24.53 7.05
C LYS C 182 -18.30 23.73 6.89
N ARG C 183 -18.26 22.46 7.25
CA ARG C 183 -19.41 21.55 7.13
C ARG C 183 -20.34 21.79 8.31
N MET C 184 -19.76 22.10 9.45
CA MET C 184 -20.59 22.40 10.62
C MET C 184 -21.42 23.65 10.32
N ILE C 185 -20.80 24.68 9.74
CA ILE C 185 -21.47 25.95 9.38
C ILE C 185 -22.54 25.70 8.31
N ALA C 186 -22.20 24.95 7.27
CA ALA C 186 -23.16 24.65 6.19
C ALA C 186 -24.24 23.69 6.70
N GLY C 187 -23.94 23.00 7.77
CA GLY C 187 -24.89 22.04 8.35
C GLY C 187 -25.89 22.72 9.26
N GLY C 188 -25.66 24.01 9.55
CA GLY C 188 -26.59 24.78 10.40
C GLY C 188 -26.24 24.75 11.88
N PHE C 189 -25.03 24.32 12.21
CA PHE C 189 -24.52 24.23 13.60
C PHE C 189 -23.77 25.53 13.95
N THR C 190 -24.52 26.50 14.47
CA THR C 190 -23.99 27.82 14.86
C THR C 190 -23.58 27.79 16.32
N ARG C 191 -24.11 26.82 17.04
CA ARG C 191 -23.83 26.62 18.48
C ARG C 191 -22.35 26.80 18.78
N SER C 192 -21.45 26.25 17.97
CA SER C 192 -20.00 26.37 18.28
C SER C 192 -19.14 26.08 17.05
N THR C 193 -17.87 26.42 17.14
CA THR C 193 -16.89 26.24 16.04
C THR C 193 -15.90 25.13 16.43
N HIS C 194 -16.04 24.59 17.63
CA HIS C 194 -15.10 23.57 18.15
C HIS C 194 -15.61 22.15 17.92
N VAL C 195 -14.78 21.31 17.31
CA VAL C 195 -15.17 19.92 16.96
C VAL C 195 -15.66 19.16 18.19
N PRO C 196 -14.97 19.19 19.34
CA PRO C 196 -15.43 18.51 20.54
C PRO C 196 -16.86 18.88 20.95
N VAL C 197 -17.27 20.13 20.76
CA VAL C 197 -18.65 20.54 21.12
C VAL C 197 -19.64 19.84 20.18
N LEU C 198 -19.27 19.68 18.91
CA LEU C 198 -20.11 18.97 17.91
C LEU C 198 -20.40 17.56 18.44
N PHE C 199 -19.37 16.87 18.90
CA PHE C 199 -19.53 15.51 19.45
C PHE C 199 -20.46 15.57 20.66
N GLU C 200 -20.22 16.52 21.55
CA GLU C 200 -21.03 16.71 22.77
C GLU C 200 -22.50 16.90 22.40
N ALA C 201 -22.77 17.82 21.47
CA ALA C 201 -24.14 18.11 21.04
C ALA C 201 -24.76 16.82 20.52
N ALA C 202 -24.02 16.07 19.72
CA ALA C 202 -24.54 14.82 19.14
C ALA C 202 -24.87 13.83 20.26
N GLU C 203 -24.00 13.72 21.26
CA GLU C 203 -24.24 12.82 22.41
C GLU C 203 -25.55 13.20 23.11
N GLU C 204 -25.84 14.49 23.17
CA GLU C 204 -27.05 15.04 23.82
C GLU C 204 -28.28 14.85 22.95
N GLY C 205 -28.11 14.33 21.75
CA GLY C 205 -29.27 14.10 20.87
C GLY C 205 -29.51 15.20 19.85
N ASP C 206 -28.58 16.14 19.66
CA ASP C 206 -28.78 17.22 18.65
C ASP C 206 -28.78 16.60 17.26
N ASP C 207 -29.91 16.63 16.56
CA ASP C 207 -29.98 15.99 15.23
C ASP C 207 -29.15 16.73 14.18
N ILE C 208 -28.94 18.02 14.35
CA ILE C 208 -28.13 18.77 13.35
C ILE C 208 -26.67 18.33 13.49
N ALA C 209 -26.18 18.22 14.71
CA ALA C 209 -24.80 17.78 14.95
C ALA C 209 -24.61 16.36 14.44
N LYS C 210 -25.60 15.48 14.67
CA LYS C 210 -25.54 14.06 14.25
C LYS C 210 -25.47 13.95 12.73
N GLN C 211 -26.31 14.69 12.02
CA GLN C 211 -26.30 14.63 10.55
C GLN C 211 -24.89 15.02 10.07
N ILE C 212 -24.36 16.11 10.62
CA ILE C 212 -23.01 16.60 10.22
C ILE C 212 -21.97 15.49 10.43
N LEU C 213 -21.93 14.88 11.60
CA LEU C 213 -20.92 13.84 11.93
C LEU C 213 -21.08 12.63 11.00
N ASN C 214 -22.31 12.17 10.79
CA ASN C 214 -22.62 10.98 9.95
C ASN C 214 -22.17 11.21 8.51
N GLU C 215 -22.49 12.37 7.93
CA GLU C 215 -22.08 12.65 6.53
C GLU C 215 -20.55 12.75 6.45
N TRP C 216 -19.93 13.41 7.42
CA TRP C 216 -18.46 13.51 7.49
C TRP C 216 -17.84 12.11 7.68
N ALA C 217 -18.43 11.28 8.52
CA ALA C 217 -17.88 9.93 8.82
C ALA C 217 -18.00 9.07 7.56
N GLU C 218 -19.02 9.35 6.73
CA GLU C 218 -19.22 8.60 5.45
C GLU C 218 -17.97 8.77 4.58
N ASP C 219 -17.48 10.01 4.46
CA ASP C 219 -16.26 10.29 3.66
C ASP C 219 -15.02 9.68 4.32
N VAL C 220 -14.93 9.73 5.64
CA VAL C 220 -13.77 9.13 6.37
C VAL C 220 -13.77 7.63 6.05
N ALA C 221 -14.91 6.97 6.22
CA ALA C 221 -15.08 5.52 5.97
C ALA C 221 -14.69 5.19 4.53
N GLU C 222 -15.06 6.05 3.59
CA GLU C 222 -14.75 5.81 2.16
C GLU C 222 -13.23 5.70 2.00
N GLY C 223 -12.49 6.60 2.65
CA GLY C 223 -11.02 6.61 2.62
C GLY C 223 -10.45 5.37 3.29
N ILE C 224 -11.02 4.98 4.43
CA ILE C 224 -10.53 3.78 5.15
C ILE C 224 -10.72 2.57 4.24
N ALA C 225 -11.83 2.50 3.51
CA ALA C 225 -12.12 1.38 2.59
C ALA C 225 -10.95 1.16 1.61
N GLN C 226 -10.47 2.22 0.96
CA GLN C 226 -9.35 2.11 -0.01
C GLN C 226 -8.10 1.57 0.71
N ILE C 227 -7.77 2.13 1.87
CA ILE C 227 -6.59 1.70 2.67
C ILE C 227 -6.73 0.20 2.92
N GLN C 228 -7.90 -0.21 3.41
CA GLN C 228 -8.25 -1.61 3.71
C GLN C 228 -8.01 -2.49 2.48
N VAL C 229 -8.55 -2.07 1.35
CA VAL C 229 -8.46 -2.85 0.08
C VAL C 229 -7.01 -3.09 -0.32
N MET C 230 -6.17 -2.08 -0.25
CA MET C 230 -4.74 -2.17 -0.67
C MET C 230 -3.90 -3.01 0.29
N TYR C 231 -4.04 -2.76 1.59
CA TYR C 231 -3.13 -3.34 2.60
C TYR C 231 -3.64 -4.62 3.25
N ASP C 232 -4.94 -4.80 3.41
CA ASP C 232 -5.48 -5.98 4.13
C ASP C 232 -4.79 -6.06 5.49
N PRO C 233 -4.81 -4.98 6.30
CA PRO C 233 -4.09 -4.95 7.54
C PRO C 233 -4.84 -5.70 8.65
N GLY C 234 -4.10 -6.10 9.67
CA GLY C 234 -4.72 -6.76 10.82
C GLY C 234 -5.44 -5.72 11.67
N LEU C 235 -5.03 -4.47 11.58
CA LEU C 235 -5.61 -3.41 12.43
C LEU C 235 -5.46 -2.04 11.79
N ILE C 236 -6.48 -1.23 11.92
CA ILE C 236 -6.42 0.19 11.46
C ILE C 236 -6.56 1.04 12.71
N LEU C 237 -5.58 1.90 12.95
CA LEU C 237 -5.60 2.82 14.10
C LEU C 237 -5.97 4.22 13.60
N ILE C 238 -6.84 4.90 14.34
CA ILE C 238 -7.19 6.30 14.02
C ILE C 238 -6.47 7.19 15.03
N GLY C 239 -5.53 7.98 14.55
CA GLY C 239 -4.79 8.91 15.40
C GLY C 239 -5.31 10.33 15.24
N GLY C 240 -4.62 11.27 15.84
CA GLY C 240 -5.03 12.68 15.81
C GLY C 240 -5.70 13.12 17.10
N GLY C 241 -5.93 14.42 17.23
CA GLY C 241 -6.56 15.00 18.42
C GLY C 241 -7.94 14.43 18.65
N ILE C 242 -8.62 14.07 17.57
CA ILE C 242 -10.01 13.54 17.61
C ILE C 242 -10.01 12.09 18.11
N SER C 243 -8.84 11.51 18.25
CA SER C 243 -8.70 10.14 18.80
C SER C 243 -9.21 10.13 20.25
N GLU C 244 -9.23 11.31 20.88
CA GLU C 244 -9.69 11.51 22.28
C GLU C 244 -11.13 11.01 22.44
N GLN C 245 -11.94 11.12 21.39
CA GLN C 245 -13.37 10.70 21.40
C GLN C 245 -13.53 9.19 21.58
N GLY C 246 -12.47 8.41 21.34
CA GLY C 246 -12.49 6.95 21.52
C GLY C 246 -13.61 6.27 20.77
N ASP C 247 -14.40 5.44 21.46
CA ASP C 247 -15.51 4.67 20.86
C ASP C 247 -16.61 5.59 20.33
N ASN C 248 -16.66 6.83 20.79
CA ASN C 248 -17.68 7.79 20.30
C ASN C 248 -17.28 8.28 18.91
N LEU C 249 -16.05 8.01 18.50
CA LEU C 249 -15.66 8.36 17.13
C LEU C 249 -15.86 7.13 16.24
N ILE C 250 -15.32 5.99 16.70
CA ILE C 250 -15.36 4.67 16.01
C ILE C 250 -16.78 4.29 15.61
N LYS C 251 -17.75 4.55 16.49
CA LYS C 251 -19.17 4.20 16.25
C LYS C 251 -19.73 4.93 15.03
N TYR C 252 -19.17 6.05 14.63
CA TYR C 252 -19.69 6.76 13.45
C TYR C 252 -19.00 6.32 12.16
N ILE C 253 -17.75 5.88 12.26
CA ILE C 253 -16.88 5.57 11.09
C ILE C 253 -16.96 4.09 10.70
N GLU C 254 -16.57 3.22 11.62
CA GLU C 254 -16.43 1.76 11.45
C GLU C 254 -17.62 1.13 10.72
N PRO C 255 -18.88 1.25 11.18
CA PRO C 255 -19.99 0.67 10.47
C PRO C 255 -20.05 1.12 9.01
N LYS C 256 -19.64 2.35 8.71
CA LYS C 256 -19.78 2.94 7.36
C LYS C 256 -18.72 2.39 6.39
N VAL C 257 -17.63 1.87 6.91
CA VAL C 257 -16.55 1.30 6.06
C VAL C 257 -17.15 0.20 5.17
N ALA C 258 -18.11 -0.56 5.70
CA ALA C 258 -18.74 -1.70 4.99
C ALA C 258 -19.47 -1.25 3.72
N HIS C 259 -19.92 0.01 3.65
CA HIS C 259 -20.63 0.53 2.46
C HIS C 259 -19.73 0.50 1.24
N TYR C 260 -18.43 0.62 1.40
CA TYR C 260 -17.52 0.66 0.23
C TYR C 260 -16.86 -0.71 -0.02
N LEU C 261 -17.37 -1.76 0.61
CA LEU C 261 -16.75 -3.10 0.42
C LEU C 261 -17.81 -4.15 0.08
N PRO C 262 -17.45 -5.30 -0.52
CA PRO C 262 -18.40 -6.36 -0.79
C PRO C 262 -18.98 -6.87 0.54
N LYS C 263 -20.23 -7.33 0.47
CA LYS C 263 -20.98 -7.78 1.66
C LYS C 263 -20.23 -8.86 2.45
N ASP C 264 -19.49 -9.74 1.81
CA ASP C 264 -18.81 -10.79 2.61
C ASP C 264 -17.32 -10.47 2.81
N TYR C 265 -16.91 -9.24 2.54
CA TYR C 265 -15.48 -8.88 2.70
C TYR C 265 -15.20 -8.56 4.17
N VAL C 266 -14.23 -9.26 4.74
CA VAL C 266 -13.82 -9.09 6.16
C VAL C 266 -12.81 -7.94 6.26
N TYR C 267 -13.18 -6.82 6.88
CA TYR C 267 -12.18 -5.74 7.02
C TYR C 267 -11.64 -5.74 8.45
N ALA C 268 -10.52 -5.07 8.65
CA ALA C 268 -9.86 -5.07 9.98
C ALA C 268 -10.67 -4.28 11.02
N PRO C 269 -10.46 -4.56 12.31
CA PRO C 269 -11.00 -3.76 13.37
C PRO C 269 -10.43 -2.35 13.26
N ILE C 270 -11.29 -1.38 13.53
CA ILE C 270 -10.93 0.06 13.47
C ILE C 270 -11.03 0.66 14.87
N GLN C 271 -9.88 1.04 15.40
CA GLN C 271 -9.80 1.55 16.78
C GLN C 271 -9.04 2.87 16.83
N THR C 272 -9.29 3.64 17.90
CA THR C 272 -8.53 4.87 18.17
C THR C 272 -7.18 4.47 18.77
N THR C 273 -6.20 5.35 18.68
CA THR C 273 -4.88 5.08 19.27
C THR C 273 -5.03 5.11 20.79
N LYS C 274 -4.24 4.32 21.50
CA LYS C 274 -4.30 4.30 22.98
C LYS C 274 -3.60 5.55 23.53
N SER C 275 -2.44 5.86 23.00
CA SER C 275 -1.76 7.11 23.40
C SER C 275 -2.48 8.24 22.66
N LYS C 276 -3.03 9.21 23.37
CA LYS C 276 -3.86 10.21 22.65
C LYS C 276 -3.12 11.51 22.35
N ASN C 277 -1.88 11.69 22.80
CA ASN C 277 -1.24 13.00 22.51
C ASN C 277 0.26 12.86 22.35
N ASP C 278 0.90 11.97 23.09
CA ASP C 278 2.38 11.90 23.08
C ASP C 278 2.97 10.90 22.09
N ALA C 279 2.17 10.25 21.26
CA ALA C 279 2.70 9.15 20.43
C ALA C 279 3.88 9.59 19.56
N ALA C 280 3.70 10.65 18.77
CA ALA C 280 4.73 11.12 17.84
C ALA C 280 6.04 11.47 18.57
N LEU C 281 5.95 12.02 19.78
CA LEU C 281 7.16 12.40 20.55
C LEU C 281 8.02 11.17 20.84
N TYR C 282 7.44 10.01 21.09
CA TYR C 282 8.24 8.80 21.34
C TYR C 282 8.72 8.22 20.00
N GLY C 283 7.82 8.27 19.02
CA GLY C 283 8.05 7.72 17.67
C GLY C 283 9.23 8.34 16.95
N CYS C 284 9.39 9.66 17.04
CA CYS C 284 10.49 10.39 16.35
C CYS C 284 11.88 9.99 16.84
N LEU C 285 11.98 9.23 17.92
CA LEU C 285 13.31 8.84 18.41
C LEU C 285 13.68 7.42 18.00
N GLN C 286 12.75 6.64 17.47
CA GLN C 286 13.02 5.22 17.13
C GLN C 286 13.82 5.09 15.84
N MET D 1 -16.97 35.25 22.17
CA MET D 1 -17.19 35.33 23.63
C MET D 1 -16.12 34.47 24.32
N TYR D 2 -14.86 34.91 24.27
CA TYR D 2 -13.74 34.11 24.83
C TYR D 2 -12.98 34.85 25.92
N TYR D 3 -12.54 34.10 26.93
CA TYR D 3 -11.73 34.64 28.05
C TYR D 3 -10.31 34.11 27.91
N ILE D 4 -9.31 34.93 28.25
CA ILE D 4 -7.91 34.43 28.24
C ILE D 4 -7.55 34.10 29.69
N ALA D 5 -6.88 32.96 29.92
CA ALA D 5 -6.49 32.55 31.28
C ALA D 5 -5.03 32.12 31.25
N ILE D 6 -4.24 32.59 32.21
CA ILE D 6 -2.79 32.28 32.32
C ILE D 6 -2.50 31.84 33.75
N ASP D 7 -1.72 30.78 33.91
CA ASP D 7 -1.34 30.27 35.24
C ASP D 7 0.18 30.25 35.31
N ILE D 8 0.74 31.12 36.14
CA ILE D 8 2.21 31.24 36.29
C ILE D 8 2.68 30.48 37.55
N GLY D 9 3.63 29.60 37.36
CA GLY D 9 4.26 28.80 38.43
C GLY D 9 5.78 28.88 38.31
N GLY D 10 6.51 28.41 39.32
CA GLY D 10 7.97 28.48 39.24
C GLY D 10 8.55 27.61 38.14
N THR D 11 7.85 26.53 37.78
CA THR D 11 8.31 25.55 36.77
C THR D 11 7.66 25.80 35.41
N GLN D 12 6.35 26.00 35.35
CA GLN D 12 5.75 26.18 34.02
C GLN D 12 4.75 27.32 33.99
N ILE D 13 4.53 27.86 32.82
CA ILE D 13 3.45 28.86 32.63
C ILE D 13 2.46 28.15 31.73
N LYS D 14 1.22 28.05 32.16
CA LYS D 14 0.20 27.42 31.31
C LYS D 14 -0.77 28.50 30.85
N SER D 15 -1.42 28.30 29.72
CA SER D 15 -2.40 29.29 29.22
C SER D 15 -3.45 28.62 28.34
N ALA D 16 -4.59 29.29 28.17
CA ALA D 16 -5.66 28.78 27.31
C ALA D 16 -6.69 29.88 27.04
N VAL D 17 -7.56 29.59 26.11
CA VAL D 17 -8.74 30.43 25.83
C VAL D 17 -9.91 29.56 26.30
N ILE D 18 -10.82 30.18 27.05
CA ILE D 18 -11.99 29.47 27.60
C ILE D 18 -13.25 30.17 27.12
N ASP D 19 -14.27 29.40 26.77
CA ASP D 19 -15.54 29.96 26.25
C ASP D 19 -16.55 30.05 27.38
N LYS D 20 -17.66 30.72 27.10
CA LYS D 20 -18.77 30.94 28.06
C LYS D 20 -19.27 29.60 28.63
N GLN D 21 -19.24 28.53 27.83
CA GLN D 21 -19.72 27.21 28.33
C GLN D 21 -18.59 26.43 29.03
N LEU D 22 -17.45 27.06 29.27
CA LEU D 22 -16.34 26.45 30.04
C LEU D 22 -15.53 25.45 29.23
N ASN D 23 -15.56 25.55 27.91
CA ASN D 23 -14.72 24.67 27.05
C ASN D 23 -13.35 25.32 26.94
N MET D 24 -12.29 24.55 27.16
CA MET D 24 -10.91 25.06 27.08
C MET D 24 -10.34 24.69 25.73
N PHE D 25 -9.72 25.66 25.06
CA PHE D 25 -9.11 25.46 23.72
C PHE D 25 -7.77 26.18 23.67
N ASP D 26 -6.93 25.80 22.72
CA ASP D 26 -5.60 26.40 22.48
C ASP D 26 -4.72 26.37 23.70
N TYR D 27 -4.79 25.30 24.49
CA TYR D 27 -3.97 25.16 25.71
C TYR D 27 -2.50 25.30 25.36
N GLN D 28 -1.74 26.06 26.14
CA GLN D 28 -0.28 26.15 25.95
C GLN D 28 0.40 25.87 27.27
N GLN D 29 1.61 25.33 27.23
CA GLN D 29 2.39 24.99 28.44
C GLN D 29 3.88 25.18 28.10
N ILE D 30 4.55 26.11 28.74
CA ILE D 30 5.97 26.38 28.42
C ILE D 30 6.77 26.41 29.73
N SER D 31 8.07 26.29 29.63
CA SER D 31 8.92 26.34 30.83
C SER D 31 8.89 27.79 31.31
N THR D 32 8.91 28.01 32.62
CA THR D 32 8.84 29.40 33.10
C THR D 32 10.15 30.11 32.79
N PRO D 33 10.11 31.29 32.15
CA PRO D 33 11.29 32.06 31.88
C PRO D 33 12.11 32.17 33.18
N ASP D 34 13.43 32.34 33.04
CA ASP D 34 14.35 32.40 34.21
C ASP D 34 14.17 33.72 34.97
N ASN D 35 13.24 34.58 34.53
CA ASN D 35 12.97 35.89 35.18
C ASN D 35 14.26 36.71 35.26
N LYS D 36 15.01 36.74 34.16
CA LYS D 36 16.29 37.50 34.06
C LYS D 36 16.43 37.95 32.60
N SER D 37 17.25 37.24 31.81
CA SER D 37 17.38 37.57 30.38
C SER D 37 16.03 37.32 29.70
N GLU D 38 15.25 36.41 30.28
CA GLU D 38 13.89 36.09 29.77
C GLU D 38 12.87 36.59 30.80
N LEU D 39 11.97 37.48 30.39
CA LEU D 39 11.02 38.07 31.36
C LEU D 39 9.63 37.44 31.27
N ILE D 40 9.10 37.14 32.45
CA ILE D 40 7.74 36.58 32.63
C ILE D 40 6.74 37.62 32.13
N THR D 41 7.00 38.88 32.39
CA THR D 41 6.06 39.93 31.92
C THR D 41 5.96 39.84 30.40
N ASP D 42 7.10 39.83 29.71
CA ASP D 42 7.14 39.78 28.23
C ASP D 42 6.42 38.53 27.72
N LYS D 43 6.66 37.40 28.37
CA LYS D 43 5.99 36.15 27.92
C LYS D 43 4.48 36.30 28.10
N VAL D 44 4.05 36.85 29.22
CA VAL D 44 2.59 37.01 29.50
C VAL D 44 1.99 37.94 28.44
N TYR D 45 2.69 39.04 28.17
CA TYR D 45 2.21 40.00 27.15
C TYR D 45 2.10 39.28 25.82
N GLU D 46 3.14 38.54 25.50
CA GLU D 46 3.21 37.78 24.25
C GLU D 46 2.06 36.78 24.19
N ILE D 47 1.79 36.07 25.27
CA ILE D 47 0.68 35.07 25.23
C ILE D 47 -0.65 35.77 25.04
N VAL D 48 -0.86 36.90 25.69
CA VAL D 48 -2.16 37.61 25.59
C VAL D 48 -2.36 38.17 24.17
N THR D 49 -1.36 38.81 23.59
CA THR D 49 -1.52 39.40 22.24
C THR D 49 -1.72 38.26 21.24
N GLY D 50 -0.96 37.18 21.40
CA GLY D 50 -1.13 36.04 20.52
C GLY D 50 -2.57 35.58 20.48
N TYR D 51 -3.21 35.45 21.64
CA TYR D 51 -4.61 34.96 21.66
C TYR D 51 -5.55 36.02 21.09
N MET D 52 -5.26 37.29 21.33
CA MET D 52 -6.12 38.37 20.82
C MET D 52 -6.12 38.28 19.28
N LYS D 53 -4.94 38.23 18.68
CA LYS D 53 -4.78 38.12 17.21
C LYS D 53 -5.56 36.90 16.68
N GLN D 54 -5.27 35.72 17.20
CA GLN D 54 -5.89 34.46 16.75
C GLN D 54 -7.40 34.55 16.86
N TYR D 55 -7.90 35.28 17.83
CA TYR D 55 -9.37 35.25 18.00
C TYR D 55 -9.99 36.61 17.72
N GLN D 56 -9.17 37.58 17.32
CA GLN D 56 -9.65 38.93 17.01
C GLN D 56 -10.46 39.43 18.20
N LEU D 57 -9.85 39.33 19.39
CA LEU D 57 -10.48 39.74 20.66
C LEU D 57 -10.12 41.18 20.96
N ILE D 58 -11.12 41.96 21.35
CA ILE D 58 -10.94 43.39 21.70
C ILE D 58 -11.17 43.57 23.21
N GLN D 59 -10.16 44.07 23.92
CA GLN D 59 -10.26 44.29 25.39
C GLN D 59 -10.82 43.02 26.00
N PRO D 60 -10.13 41.88 25.90
CA PRO D 60 -10.65 40.64 26.41
C PRO D 60 -10.51 40.57 27.93
N VAL D 61 -11.39 39.80 28.55
CA VAL D 61 -11.31 39.53 30.01
C VAL D 61 -10.09 38.62 30.19
N ILE D 62 -9.07 39.09 30.89
CA ILE D 62 -7.86 38.29 31.15
C ILE D 62 -7.79 37.89 32.61
N GLY D 63 -7.49 36.62 32.88
CA GLY D 63 -7.40 36.10 34.24
C GLY D 63 -6.00 35.59 34.51
N ILE D 64 -5.41 36.01 35.60
CA ILE D 64 -4.02 35.59 35.91
C ILE D 64 -3.95 34.87 37.25
N SER D 65 -3.52 33.64 37.22
CA SER D 65 -3.28 32.81 38.41
C SER D 65 -1.77 32.84 38.62
N SER D 66 -1.32 33.04 39.86
CA SER D 66 0.13 33.07 40.06
C SER D 66 0.55 32.60 41.46
N ALA D 67 1.72 32.00 41.51
CA ALA D 67 2.39 31.68 42.78
C ALA D 67 2.79 33.03 43.42
N GLY D 68 2.86 33.06 44.75
CA GLY D 68 3.24 34.28 45.50
C GLY D 68 2.07 34.97 46.16
N VAL D 69 2.37 35.85 47.10
CA VAL D 69 1.31 36.62 47.80
C VAL D 69 0.70 37.60 46.79
N VAL D 70 -0.59 37.56 46.62
CA VAL D 70 -1.24 38.42 45.58
C VAL D 70 -2.19 39.45 46.20
N ASP D 71 -2.02 40.70 45.82
CA ASP D 71 -2.99 41.77 46.18
C ASP D 71 -3.97 41.81 45.02
N GLU D 72 -5.14 41.21 45.18
CA GLU D 72 -6.12 41.11 44.07
C GLU D 72 -6.55 42.50 43.58
N GLN D 73 -6.84 43.45 44.47
CA GLN D 73 -7.30 44.79 44.02
C GLN D 73 -6.21 45.48 43.21
N LYS D 74 -4.98 45.34 43.65
CA LYS D 74 -3.81 45.93 42.98
C LYS D 74 -3.39 45.06 41.80
N GLY D 75 -3.67 43.76 41.86
CA GLY D 75 -3.25 42.82 40.82
C GLY D 75 -1.74 42.75 40.80
N GLU D 76 -1.15 42.72 41.98
CA GLU D 76 0.31 42.79 42.12
C GLU D 76 0.84 41.68 43.02
N ILE D 77 2.05 41.21 42.74
CA ILE D 77 2.74 40.23 43.59
C ILE D 77 3.36 41.01 44.74
N VAL D 78 2.76 40.96 45.92
CA VAL D 78 3.35 41.75 47.05
C VAL D 78 4.55 41.01 47.63
N TYR D 79 4.61 39.70 47.51
CA TYR D 79 5.81 38.98 48.00
C TYR D 79 5.93 37.61 47.36
N ALA D 80 7.14 37.28 46.92
CA ALA D 80 7.37 35.96 46.33
C ALA D 80 8.53 35.30 47.06
N GLY D 81 8.52 33.97 47.09
CA GLY D 81 9.63 33.19 47.64
C GLY D 81 10.76 33.15 46.65
N PRO D 82 11.83 32.37 46.89
CA PRO D 82 12.99 32.38 46.03
C PRO D 82 12.86 31.75 44.64
N THR D 83 11.97 30.78 44.49
CA THR D 83 11.77 30.02 43.24
C THR D 83 11.76 30.97 42.04
N ILE D 84 10.94 32.01 42.10
CA ILE D 84 10.92 32.97 40.96
C ILE D 84 11.68 34.23 41.37
N PRO D 85 12.93 34.41 40.92
CA PRO D 85 13.73 35.59 41.23
C PRO D 85 13.10 36.84 40.63
N ASN D 86 13.27 37.98 41.32
CA ASN D 86 12.77 39.32 40.93
C ASN D 86 11.26 39.31 40.70
N TYR D 87 10.51 38.49 41.43
CA TYR D 87 9.07 38.44 41.15
C TYR D 87 8.33 39.51 41.94
N LYS D 88 8.78 39.81 43.16
CA LYS D 88 8.11 40.82 44.00
C LYS D 88 7.94 42.11 43.21
N GLY D 89 6.73 42.66 43.23
CA GLY D 89 6.42 43.93 42.57
C GLY D 89 5.78 43.77 41.22
N THR D 90 5.78 42.56 40.66
CA THR D 90 5.21 42.35 39.31
C THR D 90 3.72 42.75 39.32
N ASN D 91 3.32 43.68 38.47
CA ASN D 91 1.91 44.11 38.44
C ASN D 91 1.31 43.81 37.08
N PHE D 92 0.37 42.86 37.01
CA PHE D 92 -0.24 42.44 35.72
C PHE D 92 -1.29 43.45 35.24
N LYS D 93 -1.90 44.19 36.14
CA LYS D 93 -2.94 45.15 35.69
C LYS D 93 -2.25 46.26 34.92
N ARG D 94 -1.12 46.74 35.43
CA ARG D 94 -0.35 47.79 34.74
C ARG D 94 0.16 47.22 33.42
N LEU D 95 0.79 46.05 33.48
CA LEU D 95 1.41 45.36 32.33
C LEU D 95 0.44 45.21 31.14
N LEU D 96 -0.79 44.78 31.37
CA LEU D 96 -1.75 44.51 30.27
C LEU D 96 -2.69 45.71 30.07
N LYS D 97 -2.32 46.86 30.63
CA LYS D 97 -3.10 48.13 30.60
C LYS D 97 -3.57 48.41 29.17
N SER D 98 -2.62 48.48 28.24
CA SER D 98 -2.86 48.78 26.81
C SER D 98 -3.78 47.76 26.15
N LEU D 99 -3.70 46.48 26.52
CA LEU D 99 -4.52 45.47 25.83
C LEU D 99 -5.92 45.33 26.42
N SER D 100 -6.08 45.46 27.75
CA SER D 100 -7.44 45.32 28.32
C SER D 100 -7.40 45.79 29.77
N PRO D 101 -8.40 46.57 30.23
CA PRO D 101 -8.50 46.97 31.63
C PRO D 101 -9.23 45.87 32.42
N TYR D 102 -9.63 44.80 31.72
CA TYR D 102 -10.34 43.69 32.41
C TYR D 102 -9.22 42.69 32.73
N VAL D 103 -8.44 42.99 33.77
CA VAL D 103 -7.47 42.00 34.25
C VAL D 103 -7.77 41.66 35.71
N LYS D 104 -7.75 40.37 36.03
CA LYS D 104 -7.95 39.83 37.39
C LYS D 104 -6.71 39.00 37.76
N VAL D 105 -6.25 39.11 38.99
CA VAL D 105 -5.05 38.36 39.41
C VAL D 105 -5.36 37.64 40.73
N LYS D 106 -4.99 36.38 40.83
CA LYS D 106 -5.22 35.64 42.08
C LYS D 106 -4.02 34.76 42.40
N ASN D 107 -3.90 34.39 43.65
CA ASN D 107 -2.89 33.40 44.09
C ASN D 107 -3.29 32.07 43.43
N ASP D 108 -2.30 31.27 43.03
CA ASP D 108 -2.49 29.96 42.35
C ASP D 108 -3.49 29.04 43.05
N VAL D 109 -3.44 28.92 44.37
CA VAL D 109 -4.32 27.99 45.14
C VAL D 109 -5.76 28.54 45.19
N ASN D 110 -5.88 29.84 45.40
CA ASN D 110 -7.22 30.49 45.32
C ASN D 110 -7.84 30.11 43.98
N ALA D 111 -7.06 30.25 42.91
CA ALA D 111 -7.48 29.95 41.53
C ALA D 111 -7.82 28.46 41.38
N ALA D 112 -6.96 27.58 41.89
CA ALA D 112 -7.20 26.13 41.81
C ALA D 112 -8.57 25.80 42.45
N LEU D 113 -8.75 26.22 43.70
CA LEU D 113 -9.99 25.94 44.46
C LEU D 113 -11.20 26.47 43.70
N LEU D 114 -11.18 27.75 43.30
CA LEU D 114 -12.32 28.35 42.57
C LEU D 114 -12.55 27.57 41.27
N GLY D 115 -11.48 27.17 40.60
CA GLY D 115 -11.58 26.44 39.32
C GLY D 115 -12.16 25.06 39.53
N GLU D 116 -11.66 24.35 40.53
CA GLU D 116 -12.16 23.00 40.86
C GLU D 116 -13.65 23.09 41.22
N LEU D 117 -14.05 24.08 42.00
CA LEU D 117 -15.46 24.18 42.43
C LEU D 117 -16.33 24.71 41.28
N LYS D 118 -15.70 25.29 40.27
CA LYS D 118 -16.48 25.77 39.11
C LYS D 118 -16.85 24.56 38.24
N LEU D 119 -15.97 23.56 38.17
CA LEU D 119 -16.20 22.37 37.35
C LEU D 119 -16.86 21.24 38.12
N HIS D 120 -16.55 21.07 39.41
CA HIS D 120 -17.08 19.91 40.16
C HIS D 120 -17.80 20.34 41.42
N GLN D 121 -18.92 19.68 41.70
CA GLN D 121 -19.80 19.98 42.86
C GLN D 121 -19.47 19.01 43.99
N TYR D 122 -19.51 19.50 45.22
CA TYR D 122 -19.22 18.69 46.42
C TYR D 122 -20.28 19.02 47.47
N GLN D 123 -20.58 18.08 48.37
CA GLN D 123 -21.61 18.32 49.40
C GLN D 123 -21.03 19.24 50.49
N ALA D 124 -19.76 19.01 50.83
CA ALA D 124 -19.05 19.78 51.87
C ALA D 124 -19.31 21.28 51.73
N GLU D 125 -19.44 21.97 52.84
CA GLU D 125 -19.69 23.42 52.83
C GLU D 125 -18.36 24.14 52.94
N ARG D 126 -17.47 23.63 53.79
CA ARG D 126 -16.15 24.26 54.00
C ARG D 126 -15.11 23.43 53.27
N ILE D 127 -14.37 24.05 52.37
CA ILE D 127 -13.39 23.25 51.60
C ILE D 127 -12.02 23.91 51.65
N PHE D 128 -11.03 23.17 52.09
CA PHE D 128 -9.64 23.68 52.07
C PHE D 128 -8.91 23.04 50.89
N CYS D 129 -8.13 23.83 50.17
CA CYS D 129 -7.33 23.26 49.08
C CYS D 129 -5.84 23.45 49.39
N MET D 130 -5.07 22.38 49.32
CA MET D 130 -3.62 22.47 49.52
C MET D 130 -2.91 21.95 48.27
N THR D 131 -1.95 22.69 47.76
CA THR D 131 -1.26 22.19 46.54
C THR D 131 0.13 21.69 46.90
N LEU D 132 0.52 20.58 46.31
CA LEU D 132 1.85 20.01 46.49
C LEU D 132 2.54 20.16 45.14
N GLY D 133 3.75 20.67 45.12
CA GLY D 133 4.44 20.81 43.84
C GLY D 133 5.68 21.63 43.98
N THR D 134 5.88 22.58 43.07
CA THR D 134 7.04 23.48 43.09
C THR D 134 7.08 24.12 44.47
N GLY D 135 5.91 24.51 44.95
CA GLY D 135 5.76 25.02 46.31
C GLY D 135 4.55 24.42 46.98
N ILE D 136 4.35 24.74 48.24
CA ILE D 136 3.14 24.27 48.95
C ILE D 136 2.28 25.51 49.25
N GLY D 137 1.04 25.50 48.78
CA GLY D 137 0.12 26.62 49.01
C GLY D 137 -1.20 26.14 49.55
N GLY D 138 -2.04 27.06 50.01
CA GLY D 138 -3.36 26.71 50.55
C GLY D 138 -4.39 27.76 50.27
N ALA D 139 -5.66 27.42 50.43
CA ALA D 139 -6.79 28.34 50.23
C ALA D 139 -8.01 27.71 50.89
N TYR D 140 -8.91 28.54 51.42
CA TYR D 140 -10.09 28.06 52.18
C TYR D 140 -11.37 28.79 51.78
N LYS D 141 -12.35 28.04 51.34
CA LYS D 141 -13.68 28.57 51.01
C LYS D 141 -14.57 28.22 52.21
N ASN D 142 -15.13 29.22 52.87
CA ASN D 142 -15.92 28.98 54.09
C ASN D 142 -17.37 28.63 53.74
N ASN D 143 -18.18 28.40 54.79
CA ASN D 143 -19.60 28.00 54.67
C ASN D 143 -20.41 29.12 54.01
N GLN D 144 -19.84 30.31 53.87
CA GLN D 144 -20.58 31.43 53.23
C GLN D 144 -20.06 31.60 51.80
N GLY D 145 -19.24 30.66 51.33
CA GLY D 145 -18.67 30.67 49.98
C GLY D 145 -17.64 31.78 49.78
N HIS D 146 -17.00 32.22 50.85
CA HIS D 146 -16.04 33.34 50.73
C HIS D 146 -14.61 32.86 50.99
N ILE D 147 -13.63 33.41 50.27
CA ILE D 147 -12.21 33.02 50.52
C ILE D 147 -11.53 34.23 51.14
N ASP D 148 -11.16 34.15 52.41
CA ASP D 148 -10.49 35.27 53.10
C ASP D 148 -8.99 35.18 52.81
N ASN D 149 -8.42 36.23 52.23
CA ASN D 149 -6.99 36.27 51.88
C ASN D 149 -6.11 36.85 53.00
N GLY D 150 -6.70 37.25 54.12
CA GLY D 150 -5.89 37.77 55.22
C GLY D 150 -5.76 39.27 55.20
N GLU D 151 -5.30 39.84 56.33
CA GLU D 151 -5.12 41.30 56.49
C GLU D 151 -3.98 41.78 55.59
N LEU D 152 -2.98 40.93 55.35
CA LEU D 152 -1.86 41.38 54.49
C LEU D 152 -1.79 40.51 53.23
N HIS D 153 -2.93 39.95 52.82
CA HIS D 153 -3.11 39.07 51.64
C HIS D 153 -2.32 37.76 51.76
N LYS D 154 -1.77 37.43 52.92
CA LYS D 154 -0.95 36.20 52.97
C LYS D 154 -1.63 35.07 53.72
N ALA D 155 -2.95 35.06 53.77
CA ALA D 155 -3.68 33.98 54.45
C ALA D 155 -3.38 32.62 53.81
N ASN D 156 -3.28 31.61 54.63
CA ASN D 156 -3.05 30.21 54.21
C ASN D 156 -1.74 30.03 53.47
N GLU D 157 -0.67 30.69 53.88
CA GLU D 157 0.68 30.46 53.28
C GLU D 157 1.24 29.29 54.11
N VAL D 158 0.58 28.14 53.97
CA VAL D 158 0.79 26.86 54.71
C VAL D 158 2.18 26.23 54.52
N GLY D 159 2.96 26.69 53.55
CA GLY D 159 4.33 26.22 53.40
C GLY D 159 5.20 26.72 54.55
N TYR D 160 4.75 27.77 55.25
CA TYR D 160 5.50 28.34 56.39
C TYR D 160 5.17 27.64 57.70
N LEU D 161 4.30 26.63 57.65
CA LEU D 161 3.87 25.88 58.84
C LEU D 161 5.01 25.05 59.39
N LEU D 162 4.89 24.74 60.66
CA LEU D 162 5.79 23.80 61.34
C LEU D 162 7.27 24.08 61.08
N TYR D 163 7.76 25.24 61.50
CA TYR D 163 9.21 25.47 61.35
C TYR D 163 9.96 24.62 62.39
N ARG D 164 10.99 23.92 61.99
CA ARG D 164 11.78 23.10 62.95
C ARG D 164 13.12 23.79 63.20
N PRO D 165 13.36 24.37 64.40
CA PRO D 165 14.60 25.08 64.67
C PRO D 165 15.85 24.19 64.68
N THR D 166 15.72 22.93 65.02
CA THR D 166 16.92 22.07 65.03
C THR D 166 17.23 21.62 63.60
N GLU D 167 16.31 21.81 62.67
CA GLU D 167 16.52 21.38 61.26
C GLU D 167 16.55 22.60 60.34
N ASN D 168 16.09 23.75 60.83
CA ASN D 168 16.01 24.99 60.02
C ASN D 168 15.19 24.73 58.75
N THR D 169 14.06 24.05 58.87
CA THR D 169 13.23 23.78 57.68
C THR D 169 11.75 24.03 57.94
N THR D 170 11.07 24.58 56.96
CA THR D 170 9.61 24.74 57.04
C THR D 170 8.96 23.53 56.36
N PHE D 171 7.64 23.45 56.45
CA PHE D 171 6.82 22.41 55.79
C PHE D 171 7.20 22.39 54.30
N GLU D 172 7.20 23.56 53.66
CA GLU D 172 7.50 23.68 52.20
C GLU D 172 8.91 23.17 51.87
N GLN D 173 9.88 23.37 52.77
CA GLN D 173 11.28 22.96 52.52
C GLN D 173 11.47 21.46 52.73
N ARG D 174 10.45 20.79 53.22
CA ARG D 174 10.52 19.34 53.48
C ARG D 174 9.60 18.60 52.51
N ALA D 175 8.55 19.23 52.01
CA ALA D 175 7.51 18.50 51.25
C ALA D 175 7.37 18.94 49.80
N ALA D 176 7.92 20.08 49.41
CA ALA D 176 7.87 20.58 48.03
C ALA D 176 8.73 19.72 47.11
N THR D 177 8.48 19.80 45.81
CA THR D 177 9.16 18.98 44.76
C THR D 177 10.67 18.96 44.96
N SER D 178 11.32 20.12 44.97
CA SER D 178 12.79 20.19 45.15
C SER D 178 13.23 19.38 46.37
N ALA D 179 12.48 19.46 47.46
CA ALA D 179 12.83 18.73 48.70
C ALA D 179 12.63 17.23 48.50
N LEU D 180 11.60 16.84 47.78
CA LEU D 180 11.31 15.41 47.57
C LEU D 180 12.44 14.79 46.72
N LYS D 181 12.93 15.52 45.73
CA LYS D 181 14.00 15.04 44.85
C LYS D 181 15.30 14.85 45.65
N LYS D 182 15.54 15.70 46.64
CA LYS D 182 16.75 15.58 47.48
C LYS D 182 16.59 14.36 48.38
N ARG D 183 15.35 14.09 48.78
CA ARG D 183 15.07 12.95 49.69
C ARG D 183 15.19 11.64 48.93
N MET D 184 14.90 11.66 47.63
CA MET D 184 14.99 10.45 46.79
C MET D 184 16.46 10.07 46.69
N ILE D 185 17.30 11.06 46.39
CA ILE D 185 18.75 10.86 46.26
C ILE D 185 19.31 10.42 47.61
N ALA D 186 18.88 11.07 48.69
CA ALA D 186 19.38 10.76 50.03
C ALA D 186 18.88 9.40 50.48
N GLY D 187 17.71 8.99 50.00
CA GLY D 187 17.08 7.71 50.36
C GLY D 187 17.63 6.56 49.55
N GLY D 188 18.48 6.86 48.58
CA GLY D 188 19.12 5.81 47.76
C GLY D 188 18.40 5.47 46.48
N PHE D 189 17.47 6.31 46.03
CA PHE D 189 16.75 6.05 44.76
C PHE D 189 17.57 6.68 43.62
N THR D 190 18.37 5.88 42.95
CA THR D 190 19.25 6.30 41.83
C THR D 190 18.56 6.12 40.47
N ARG D 191 17.55 5.26 40.40
CA ARG D 191 16.77 4.95 39.18
C ARG D 191 16.41 6.21 38.37
N SER D 192 16.01 7.29 39.03
CA SER D 192 15.54 8.49 38.29
C SER D 192 15.36 9.69 39.22
N THR D 193 15.22 10.88 38.65
CA THR D 193 14.98 12.10 39.45
C THR D 193 13.55 12.55 39.25
N HIS D 194 12.81 11.87 38.38
CA HIS D 194 11.41 12.23 38.07
C HIS D 194 10.48 11.64 39.14
N VAL D 195 9.72 12.50 39.82
CA VAL D 195 8.83 12.11 40.96
C VAL D 195 7.84 11.03 40.55
N PRO D 196 7.17 11.12 39.39
CA PRO D 196 6.25 10.09 38.93
C PRO D 196 6.88 8.69 38.79
N VAL D 197 8.18 8.64 38.54
CA VAL D 197 8.89 7.35 38.41
C VAL D 197 9.02 6.80 39.83
N LEU D 198 9.20 7.71 40.80
CA LEU D 198 9.28 7.30 42.21
C LEU D 198 7.96 6.61 42.59
N PHE D 199 6.83 7.18 42.15
CA PHE D 199 5.50 6.62 42.47
C PHE D 199 5.33 5.26 41.81
N GLU D 200 5.76 5.14 40.56
CA GLU D 200 5.66 3.92 39.71
C GLU D 200 6.47 2.79 40.34
N ALA D 201 7.70 3.08 40.72
CA ALA D 201 8.59 2.07 41.34
C ALA D 201 7.99 1.56 42.65
N ALA D 202 7.33 2.44 43.40
CA ALA D 202 6.74 2.02 44.68
C ALA D 202 5.58 1.08 44.40
N GLU D 203 4.68 1.48 43.49
CA GLU D 203 3.49 0.65 43.12
C GLU D 203 3.97 -0.72 42.65
N GLU D 204 5.19 -0.77 42.07
CA GLU D 204 5.77 -2.05 41.57
C GLU D 204 6.16 -2.93 42.77
N GLY D 205 6.58 -2.30 43.87
CA GLY D 205 6.98 -3.05 45.08
C GLY D 205 8.40 -2.69 45.52
N ASP D 206 8.97 -1.63 44.93
CA ASP D 206 10.34 -1.19 45.27
C ASP D 206 10.31 -0.58 46.68
N ASP D 207 10.88 -1.27 47.65
CA ASP D 207 10.86 -0.83 49.06
C ASP D 207 11.64 0.46 49.26
N ILE D 208 12.72 0.68 48.49
CA ILE D 208 13.49 1.95 48.61
C ILE D 208 12.53 3.09 48.32
N ALA D 209 11.78 2.98 47.23
CA ALA D 209 10.85 4.06 46.86
C ALA D 209 9.70 4.15 47.86
N LYS D 210 9.28 3.02 48.43
CA LYS D 210 8.18 3.01 49.42
C LYS D 210 8.60 3.80 50.66
N GLN D 211 9.80 3.55 51.15
CA GLN D 211 10.29 4.26 52.35
C GLN D 211 10.34 5.77 52.09
N ILE D 212 10.91 6.19 50.97
CA ILE D 212 11.02 7.63 50.62
C ILE D 212 9.61 8.22 50.60
N LEU D 213 8.65 7.55 49.97
CA LEU D 213 7.27 8.09 49.90
C LEU D 213 6.60 8.14 51.27
N ASN D 214 6.78 7.11 52.11
CA ASN D 214 6.16 7.07 53.46
C ASN D 214 6.76 8.16 54.35
N GLU D 215 8.08 8.31 54.38
CA GLU D 215 8.74 9.36 55.21
C GLU D 215 8.27 10.76 54.74
N TRP D 216 8.21 10.99 53.44
CA TRP D 216 7.76 12.29 52.86
C TRP D 216 6.30 12.55 53.21
N ALA D 217 5.47 11.50 53.13
CA ALA D 217 4.03 11.55 53.41
C ALA D 217 3.77 11.83 54.89
N GLU D 218 4.71 11.45 55.76
CA GLU D 218 4.57 11.71 57.23
C GLU D 218 4.59 13.22 57.47
N ASP D 219 5.42 13.94 56.71
CA ASP D 219 5.56 15.42 56.83
C ASP D 219 4.35 16.11 56.17
N VAL D 220 3.88 15.58 55.05
CA VAL D 220 2.69 16.15 54.36
C VAL D 220 1.49 15.98 55.30
N ALA D 221 1.36 14.80 55.90
CA ALA D 221 0.23 14.51 56.80
C ALA D 221 0.31 15.41 58.02
N GLU D 222 1.52 15.68 58.50
CA GLU D 222 1.73 16.57 59.67
C GLU D 222 1.15 17.95 59.34
N GLY D 223 1.47 18.48 58.16
CA GLY D 223 0.95 19.77 57.72
C GLY D 223 -0.55 19.75 57.62
N ILE D 224 -1.12 18.75 56.97
CA ILE D 224 -2.60 18.66 56.81
C ILE D 224 -3.27 18.69 58.18
N ALA D 225 -2.72 17.94 59.14
CA ALA D 225 -3.30 17.90 60.50
C ALA D 225 -3.45 19.31 61.09
N GLN D 226 -2.43 20.15 60.97
CA GLN D 226 -2.52 21.52 61.52
C GLN D 226 -3.68 22.26 60.85
N ILE D 227 -3.84 22.11 59.53
CA ILE D 227 -4.93 22.74 58.74
C ILE D 227 -6.29 22.21 59.21
N GLN D 228 -6.38 20.90 59.45
CA GLN D 228 -7.61 20.23 59.93
C GLN D 228 -8.00 20.81 61.30
N VAL D 229 -7.03 20.88 62.19
CA VAL D 229 -7.26 21.39 63.57
C VAL D 229 -7.84 22.82 63.53
N MET D 230 -7.31 23.70 62.70
CA MET D 230 -7.77 25.11 62.68
C MET D 230 -9.13 25.26 62.00
N TYR D 231 -9.28 24.66 60.83
CA TYR D 231 -10.46 24.90 59.97
C TYR D 231 -11.63 23.93 60.19
N ASP D 232 -11.37 22.67 60.53
CA ASP D 232 -12.43 21.65 60.66
C ASP D 232 -13.26 21.71 59.37
N PRO D 233 -12.62 21.56 58.19
CA PRO D 233 -13.30 21.64 56.92
C PRO D 233 -14.11 20.38 56.57
N GLY D 234 -15.10 20.53 55.71
CA GLY D 234 -15.89 19.37 55.24
C GLY D 234 -15.10 18.53 54.25
N LEU D 235 -14.09 19.09 53.59
CA LEU D 235 -13.28 18.36 52.58
C LEU D 235 -11.91 19.03 52.38
N ILE D 236 -10.88 18.23 52.17
CA ILE D 236 -9.53 18.78 51.90
C ILE D 236 -9.11 18.29 50.52
N LEU D 237 -9.01 19.23 49.60
CA LEU D 237 -8.62 18.95 48.20
C LEU D 237 -7.11 19.11 48.04
N ILE D 238 -6.44 18.11 47.49
CA ILE D 238 -4.98 18.19 47.21
C ILE D 238 -4.78 18.50 45.74
N GLY D 239 -4.24 19.66 45.43
CA GLY D 239 -3.96 20.07 44.06
C GLY D 239 -2.48 20.03 43.77
N GLY D 240 -2.03 20.63 42.66
CA GLY D 240 -0.61 20.63 42.34
C GLY D 240 -0.25 19.52 41.38
N GLY D 241 0.99 19.51 40.91
CA GLY D 241 1.47 18.54 39.91
C GLY D 241 1.34 17.14 40.42
N ILE D 242 1.71 16.97 41.69
CA ILE D 242 1.73 15.66 42.40
C ILE D 242 0.31 15.11 42.48
N SER D 243 -0.67 15.99 42.33
CA SER D 243 -2.11 15.68 42.36
C SER D 243 -2.47 14.71 41.24
N GLU D 244 -1.57 14.49 40.30
CA GLU D 244 -1.85 13.61 39.14
C GLU D 244 -1.84 12.16 39.58
N GLN D 245 -1.23 11.86 40.73
CA GLN D 245 -1.12 10.48 41.28
C GLN D 245 -2.47 9.99 41.82
N GLY D 246 -3.43 10.90 41.96
CA GLY D 246 -4.78 10.58 42.44
C GLY D 246 -4.79 9.71 43.69
N ASP D 247 -5.56 8.64 43.63
CA ASP D 247 -5.76 7.66 44.74
C ASP D 247 -4.44 7.10 45.25
N ASN D 248 -3.43 6.97 44.40
CA ASN D 248 -2.14 6.41 44.88
C ASN D 248 -1.44 7.44 45.76
N LEU D 249 -1.74 8.73 45.59
CA LEU D 249 -1.12 9.72 46.49
C LEU D 249 -1.86 9.68 47.83
N ILE D 250 -3.19 9.72 47.76
CA ILE D 250 -4.09 9.77 48.94
C ILE D 250 -3.83 8.60 49.89
N LYS D 251 -3.64 7.40 49.36
CA LYS D 251 -3.38 6.20 50.20
C LYS D 251 -2.13 6.39 51.07
N TYR D 252 -1.18 7.22 50.63
CA TYR D 252 0.06 7.46 51.41
C TYR D 252 -0.12 8.52 52.49
N ILE D 253 -1.04 9.45 52.26
CA ILE D 253 -1.19 10.63 53.15
C ILE D 253 -2.35 10.48 54.13
N GLU D 254 -3.54 10.17 53.65
CA GLU D 254 -4.78 10.09 54.46
C GLU D 254 -4.55 9.37 55.79
N PRO D 255 -4.15 8.09 55.82
CA PRO D 255 -3.95 7.37 57.07
C PRO D 255 -2.97 8.03 58.03
N LYS D 256 -1.97 8.73 57.51
CA LYS D 256 -0.91 9.33 58.36
C LYS D 256 -1.41 10.58 59.12
N VAL D 257 -2.43 11.26 58.58
CA VAL D 257 -3.00 12.47 59.22
C VAL D 257 -3.38 12.15 60.66
N ALA D 258 -3.97 10.98 60.87
CA ALA D 258 -4.42 10.49 62.20
C ALA D 258 -3.30 10.46 63.23
N HIS D 259 -2.06 10.29 62.80
CA HIS D 259 -0.86 10.23 63.68
C HIS D 259 -0.65 11.55 64.43
N TYR D 260 -1.20 12.66 63.96
CA TYR D 260 -0.97 13.97 64.63
C TYR D 260 -2.25 14.50 65.27
N LEU D 261 -3.28 13.68 65.31
CA LEU D 261 -4.56 14.05 65.93
C LEU D 261 -4.83 13.12 67.11
N PRO D 262 -5.79 13.43 68.00
CA PRO D 262 -6.15 12.56 69.09
C PRO D 262 -6.85 11.32 68.53
N LYS D 263 -6.81 10.22 69.28
CA LYS D 263 -7.35 8.91 68.88
C LYS D 263 -8.77 8.99 68.30
N ASP D 264 -9.67 9.71 68.92
CA ASP D 264 -11.05 9.63 68.42
C ASP D 264 -11.42 10.82 67.53
N TYR D 265 -10.44 11.52 66.96
CA TYR D 265 -10.73 12.77 66.21
C TYR D 265 -11.13 12.48 64.76
N VAL D 266 -12.32 12.92 64.39
CA VAL D 266 -12.78 12.70 63.01
C VAL D 266 -12.22 13.79 62.12
N TYR D 267 -11.32 13.47 61.19
CA TYR D 267 -10.83 14.53 60.28
C TYR D 267 -11.59 14.46 58.95
N ALA D 268 -11.42 15.47 58.12
CA ALA D 268 -12.12 15.55 56.82
C ALA D 268 -11.60 14.57 55.78
N PRO D 269 -12.44 14.16 54.83
CA PRO D 269 -12.00 13.34 53.70
C PRO D 269 -10.92 14.10 52.92
N ILE D 270 -9.88 13.39 52.53
CA ILE D 270 -8.77 14.01 51.77
C ILE D 270 -8.78 13.41 50.36
N GLN D 271 -8.96 14.25 49.34
CA GLN D 271 -9.05 13.81 47.93
C GLN D 271 -8.23 14.70 47.00
N THR D 272 -7.79 14.15 45.87
CA THR D 272 -7.07 14.95 44.86
C THR D 272 -8.09 15.74 44.05
N THR D 273 -7.67 16.79 43.37
CA THR D 273 -8.61 17.58 42.53
C THR D 273 -9.04 16.74 41.33
N LYS D 274 -10.31 16.85 40.96
CA LYS D 274 -10.86 16.08 39.83
C LYS D 274 -10.32 16.68 38.55
N SER D 275 -10.21 18.00 38.53
CA SER D 275 -9.77 18.77 37.35
C SER D 275 -8.25 18.94 37.31
N LYS D 276 -7.57 18.11 38.07
CA LYS D 276 -6.10 17.99 38.16
C LYS D 276 -5.30 19.21 37.68
N ASN D 277 -4.99 19.23 36.38
CA ASN D 277 -4.05 20.19 35.76
C ASN D 277 -4.59 21.62 35.56
N ASP D 278 -5.76 21.76 34.98
CA ASP D 278 -6.27 23.07 34.54
C ASP D 278 -7.10 23.86 35.57
N ALA D 279 -7.25 23.40 36.81
CA ALA D 279 -8.12 24.09 37.79
C ALA D 279 -7.85 25.58 37.85
N ALA D 280 -6.59 25.98 38.03
CA ALA D 280 -6.23 27.40 38.16
C ALA D 280 -6.70 28.21 36.95
N LEU D 281 -6.62 27.65 35.74
CA LEU D 281 -7.02 28.36 34.51
C LEU D 281 -8.51 28.71 34.54
N TYR D 282 -9.32 27.90 35.19
CA TYR D 282 -10.76 28.21 35.31
C TYR D 282 -10.95 29.19 36.48
N GLY D 283 -10.13 29.02 37.51
CA GLY D 283 -10.26 29.83 38.74
C GLY D 283 -9.96 31.30 38.55
N CYS D 284 -8.96 31.62 37.72
CA CYS D 284 -8.56 33.04 37.48
C CYS D 284 -9.69 33.76 36.74
N LEU D 285 -10.67 33.01 36.23
CA LEU D 285 -11.81 33.60 35.49
C LEU D 285 -12.96 33.88 36.46
N GLN D 286 -12.80 33.46 37.72
CA GLN D 286 -13.84 33.68 38.76
C GLN D 286 -13.50 34.94 39.56
C1 NAG E . 6.04 -34.74 -43.66
C2 NAG E . 4.62 -34.98 -44.20
C3 NAG E . 4.16 -33.76 -44.97
C4 NAG E . 4.26 -32.51 -44.12
C5 NAG E . 5.66 -32.37 -43.51
C6 NAG E . 5.78 -31.23 -42.53
C7 NAG E . 4.08 -37.34 -44.62
C8 NAG E . 4.06 -38.44 -45.64
N2 NAG E . 4.55 -36.17 -45.04
O1 NAG E . 6.48 -35.84 -42.93
O3 NAG E . 2.81 -33.97 -45.38
O4 NAG E . 4.01 -31.37 -44.94
O5 NAG E . 6.03 -33.57 -42.82
O6 NAG E . 4.98 -31.42 -41.37
O7 NAG E . 3.71 -37.53 -43.45
C1 NAG F . -9.74 -10.58 -9.44
C2 NAG F . -9.34 -11.65 -8.42
C3 NAG F . -7.84 -11.55 -8.14
C4 NAG F . -7.05 -11.64 -9.45
C5 NAG F . -7.56 -10.61 -10.47
C6 NAG F . -6.91 -10.72 -11.83
C7 NAG F . -10.97 -12.45 -6.76
C8 NAG F . -11.64 -12.17 -5.45
N2 NAG F . -10.09 -11.53 -7.18
O1 NAG F . -11.11 -10.67 -9.72
O3 NAG F . -7.45 -12.58 -7.25
O4 NAG F . -5.68 -11.40 -9.19
O5 NAG F . -8.99 -10.75 -10.66
O6 NAG F . -7.15 -11.97 -12.46
O7 NAG F . -11.22 -13.46 -7.42
C1 NAG G . -1.00 16.25 5.45
C2 NAG G . 0.49 16.14 5.16
C3 NAG G . 1.01 14.81 5.70
C4 NAG G . 0.67 14.65 7.17
C5 NAG G . -0.83 14.88 7.41
C6 NAG G . -1.20 14.90 8.89
C7 NAG G . 1.27 17.37 3.17
C8 NAG G . 1.50 17.30 1.69
N2 NAG G . 0.77 16.27 3.74
O1 NAG G . -1.50 17.45 4.94
O3 NAG G . 2.42 14.74 5.50
O4 NAG G . 0.97 13.32 7.57
O5 NAG G . -1.24 16.13 6.86
O6 NAG G . -0.57 15.97 9.59
O7 NAG G . 1.52 18.39 3.82
C1 NAG H . 4.54 29.02 47.77
C2 NAG H . 4.04 30.44 47.51
C3 NAG H . 2.51 30.44 47.45
C4 NAG H . 2.02 29.45 46.41
C5 NAG H . 2.62 28.06 46.66
C6 NAG H . 2.30 27.07 45.56
C7 NAG H . 5.40 32.34 48.32
C8 NAG H . 5.75 33.17 49.51
N2 NAG H . 4.51 31.36 48.54
O1 NAG H . 5.92 29.01 47.78
O3 NAG H . 2.02 31.75 47.17
O4 NAG H . 0.60 29.36 46.49
O5 NAG H . 4.05 28.14 46.73
O6 NAG H . 2.81 27.45 44.29
O7 NAG H . 5.89 32.53 47.21
#